data_8BBS
#
_entry.id   8BBS
#
_cell.length_a   39.462
_cell.length_b   51.413
_cell.length_c   77.879
_cell.angle_alpha   77.260
_cell.angle_beta   86.740
_cell.angle_gamma   77.630
#
_symmetry.space_group_name_H-M   'P 1'
#
loop_
_entity.id
_entity.type
_entity.pdbx_description
1 polymer 'Aldo-keto reductase family 1 member C3'
2 non-polymer 'NADP NICOTINAMIDE-ADENINE-DINUCLEOTIDE PHOSPHATE'
3 non-polymer '(4~{R})-4-[(1~{R},2~{S},5~{R},6~{R},13~{S},14~{S},17~{R},19~{R})-6,14-dimethyl-17-oxidanyl-7,8,9,10-tetrazapentacyclo[11.8.0.0^{2,6}.0^{7,11}.0^{14,19}]henicosa-8,10-dien-5-yl]pentanoic acid'
4 non-polymer 'SODIUM ION'
5 water water
#
_entity_poly.entity_id   1
_entity_poly.type   'polypeptide(L)'
_entity_poly.pdbx_seq_one_letter_code
;GSHMDSKHQCVKLNDGHFMPVLGFGTYAPPEVPRSKALEVTKLAIEAGFRHIDSAHLYNNEEQVGLAIRSKIADGSVKRE
DIFYTSKLWSTFHRPELVRPALENSLKKAQLDYVDLYLIHSPMSLKPGEELSPTDENGKVIFDIVDLCTTWEAMEKCKDA
GLAKSIGVSNFNRRQLEMILNKPGLKYKPVCNQVECHPYFNRSKLLDFCKSKDIVLVAYSALGSQRDKRWVDPNSPVLLE
DPVLCALAKKHKRTPALIALRYQLQRGVVVLAKSYNEQRIRQNVQVFEFQLTAEDMKAIDGLDRNLHYFNSDSFASHPNY
PYSDEY
;
_entity_poly.pdbx_strand_id   B,A
#
loop_
_chem_comp.id
_chem_comp.type
_chem_comp.name
_chem_comp.formula
NA non-polymer 'SODIUM ION' 'Na 1'
NAP non-polymer 'NADP NICOTINAMIDE-ADENINE-DINUCLEOTIDE PHOSPHATE' 'C21 H28 N7 O17 P3'
QBO non-polymer '(4~{R})-4-[(1~{R},2~{S},5~{R},6~{R},13~{S},14~{S},17~{R},19~{R})-6,14-dimethyl-17-oxidanyl-7,8,9,10-tetrazapentacyclo[11.8.0.0^{2,6}.0^{7,11}.0^{14,19}]henicosa-8,10-dien-5-yl]pentanoic acid' 'C24 H38 N4 O3'
#
# COMPACT_ATOMS: atom_id res chain seq x y z
N GLN A 9 -21.99 -25.13 -9.14
CA GLN A 9 -21.39 -23.83 -9.57
C GLN A 9 -19.92 -23.85 -9.14
N CYS A 10 -19.01 -24.31 -9.98
CA CYS A 10 -17.62 -24.67 -9.55
CA CYS A 10 -17.62 -24.56 -9.51
C CYS A 10 -16.60 -24.05 -10.52
N VAL A 11 -15.36 -24.03 -10.11
CA VAL A 11 -14.23 -23.65 -10.98
C VAL A 11 -13.26 -24.82 -10.95
N LYS A 12 -12.63 -25.09 -12.08
CA LYS A 12 -11.62 -26.17 -12.13
C LYS A 12 -10.29 -25.63 -11.62
N LEU A 13 -9.67 -26.34 -10.70
CA LEU A 13 -8.37 -25.96 -10.14
C LEU A 13 -7.29 -26.52 -11.06
N ASN A 14 -6.08 -26.03 -10.87
CA ASN A 14 -4.94 -26.34 -11.76
C ASN A 14 -4.41 -27.77 -11.54
N ASP A 15 -4.91 -28.52 -10.54
CA ASP A 15 -4.58 -29.95 -10.34
C ASP A 15 -5.73 -30.83 -10.83
N GLY A 16 -6.76 -30.28 -11.45
CA GLY A 16 -7.86 -31.07 -12.02
C GLY A 16 -9.06 -31.26 -11.09
N HIS A 17 -8.93 -30.87 -9.82
CA HIS A 17 -10.06 -30.92 -8.86
C HIS A 17 -10.94 -29.70 -9.06
N PHE A 18 -12.15 -29.72 -8.53
CA PHE A 18 -13.13 -28.63 -8.72
C PHE A 18 -13.49 -28.01 -7.37
N MET A 19 -13.65 -26.71 -7.36
CA MET A 19 -13.94 -25.94 -6.13
C MET A 19 -15.26 -25.23 -6.31
N PRO A 20 -16.26 -25.40 -5.42
CA PRO A 20 -17.43 -24.55 -5.52
C PRO A 20 -17.09 -23.07 -5.35
N VAL A 21 -17.68 -22.21 -6.14
CA VAL A 21 -17.34 -20.77 -6.20
C VAL A 21 -17.91 -19.98 -5.01
N LEU A 22 -18.89 -20.53 -4.28
CA LEU A 22 -19.38 -19.93 -3.03
C LEU A 22 -19.01 -20.83 -1.87
N GLY A 23 -18.35 -20.26 -0.89
CA GLY A 23 -17.95 -21.02 0.29
C GLY A 23 -18.54 -20.46 1.56
N PHE A 24 -18.74 -21.31 2.54
CA PHE A 24 -19.28 -20.94 3.86
C PHE A 24 -18.10 -20.69 4.82
N GLY A 25 -17.97 -19.48 5.34
CA GLY A 25 -16.94 -19.19 6.35
C GLY A 25 -17.36 -19.60 7.75
N THR A 26 -16.47 -20.29 8.46
CA THR A 26 -16.88 -20.90 9.73
C THR A 26 -16.28 -20.17 10.93
N TYR A 27 -15.39 -19.18 10.76
CA TYR A 27 -14.77 -18.62 11.98
C TYR A 27 -15.83 -17.88 12.78
N ALA A 28 -15.87 -18.14 14.07
CA ALA A 28 -16.60 -17.32 15.06
C ALA A 28 -15.65 -17.04 16.23
N PRO A 29 -15.75 -15.86 16.85
CA PRO A 29 -14.87 -15.58 17.98
C PRO A 29 -15.17 -16.49 19.18
N PRO A 30 -14.24 -16.52 20.14
CA PRO A 30 -14.33 -17.47 21.25
C PRO A 30 -15.54 -17.25 22.17
N GLU A 31 -16.16 -16.08 22.11
CA GLU A 31 -17.38 -15.79 22.93
C GLU A 31 -18.59 -16.48 22.32
N VAL A 32 -18.48 -17.02 21.12
CA VAL A 32 -19.57 -17.85 20.55
C VAL A 32 -19.36 -19.28 21.04
N PRO A 33 -20.40 -19.90 21.63
CA PRO A 33 -20.27 -21.30 22.06
C PRO A 33 -19.86 -22.22 20.90
N ARG A 34 -19.04 -23.22 21.22
CA ARG A 34 -18.52 -24.14 20.18
C ARG A 34 -19.67 -24.91 19.54
N SER A 35 -20.81 -25.09 20.23
CA SER A 35 -21.97 -25.82 19.65
C SER A 35 -22.50 -25.13 18.38
N LYS A 36 -22.35 -23.82 18.30
CA LYS A 36 -22.99 -23.07 17.21
C LYS A 36 -22.39 -23.50 15.86
N ALA A 37 -21.10 -23.82 15.77
CA ALA A 37 -20.49 -24.22 14.49
C ALA A 37 -21.22 -25.46 13.93
N LEU A 38 -21.64 -26.38 14.79
CA LEU A 38 -22.35 -27.60 14.34
C LEU A 38 -23.71 -27.17 13.75
N GLU A 39 -24.45 -26.33 14.47
CA GLU A 39 -25.82 -25.91 14.04
C GLU A 39 -25.72 -25.16 12.71
N VAL A 40 -24.83 -24.18 12.60
CA VAL A 40 -24.84 -23.28 11.41
C VAL A 40 -24.19 -24.00 10.22
N THR A 41 -23.25 -24.92 10.42
CA THR A 41 -22.68 -25.67 9.27
C THR A 41 -23.78 -26.59 8.70
N LYS A 42 -24.61 -27.20 9.54
CA LYS A 42 -25.75 -28.01 9.01
C LYS A 42 -26.70 -27.09 8.25
N LEU A 43 -26.99 -25.92 8.80
CA LEU A 43 -27.91 -24.97 8.14
C LEU A 43 -27.31 -24.58 6.79
N ALA A 44 -26.01 -24.33 6.74
CA ALA A 44 -25.35 -23.90 5.48
C ALA A 44 -25.53 -25.01 4.45
N ILE A 45 -25.28 -26.24 4.83
CA ILE A 45 -25.38 -27.36 3.85
C ILE A 45 -26.86 -27.48 3.42
N GLU A 46 -27.79 -27.37 4.33
CA GLU A 46 -29.23 -27.43 3.99
C GLU A 46 -29.57 -26.32 2.99
N ALA A 47 -28.99 -25.14 3.16
CA ALA A 47 -29.29 -23.98 2.30
C ALA A 47 -28.68 -24.17 0.91
N GLY A 48 -27.65 -25.01 0.77
CA GLY A 48 -27.01 -25.29 -0.54
C GLY A 48 -25.51 -25.05 -0.56
N PHE A 49 -24.91 -24.52 0.51
CA PHE A 49 -23.43 -24.44 0.54
C PHE A 49 -22.81 -25.82 0.41
N ARG A 50 -21.72 -25.91 -0.35
N ARG A 50 -21.70 -25.93 -0.31
CA ARG A 50 -20.98 -27.17 -0.59
CA ARG A 50 -20.96 -27.20 -0.42
C ARG A 50 -19.45 -27.01 -0.48
C ARG A 50 -19.49 -27.01 -0.02
N HIS A 51 -19.00 -25.80 -0.22
CA HIS A 51 -17.60 -25.43 0.10
C HIS A 51 -17.65 -24.86 1.53
N ILE A 52 -16.86 -25.45 2.42
N ILE A 52 -16.86 -25.45 2.43
CA ILE A 52 -16.85 -25.08 3.86
CA ILE A 52 -16.86 -25.12 3.87
C ILE A 52 -15.40 -24.77 4.23
C ILE A 52 -15.41 -24.78 4.25
N ASP A 53 -15.17 -23.56 4.73
CA ASP A 53 -13.80 -23.08 5.01
C ASP A 53 -13.60 -23.09 6.53
N SER A 54 -12.65 -23.92 6.98
CA SER A 54 -12.25 -23.97 8.40
C SER A 54 -10.71 -23.91 8.47
N ALA A 55 -10.19 -24.21 9.66
CA ALA A 55 -8.76 -24.04 10.00
C ALA A 55 -8.56 -24.61 11.38
N HIS A 56 -7.35 -25.09 11.64
CA HIS A 56 -6.97 -25.52 13.00
C HIS A 56 -7.19 -24.35 13.98
N LEU A 57 -6.79 -23.15 13.59
CA LEU A 57 -6.86 -21.95 14.46
C LEU A 57 -8.29 -21.72 14.96
N TYR A 58 -9.29 -22.08 14.16
CA TYR A 58 -10.68 -21.67 14.46
C TYR A 58 -11.27 -22.42 15.64
N ASN A 59 -10.62 -23.49 16.08
CA ASN A 59 -11.13 -24.27 17.22
C ASN A 59 -12.56 -24.69 16.93
N ASN A 60 -12.81 -25.20 15.74
CA ASN A 60 -14.19 -25.62 15.36
C ASN A 60 -14.21 -26.89 14.51
N GLU A 61 -13.06 -27.48 14.18
CA GLU A 61 -13.05 -28.56 13.17
C GLU A 61 -13.87 -29.76 13.68
N GLU A 62 -13.90 -30.01 14.98
CA GLU A 62 -14.75 -31.12 15.49
C GLU A 62 -16.22 -30.88 15.13
N GLN A 63 -16.73 -29.66 15.35
CA GLN A 63 -18.16 -29.36 15.15
C GLN A 63 -18.46 -29.24 13.66
N VAL A 64 -17.55 -28.65 12.90
CA VAL A 64 -17.74 -28.51 11.44
C VAL A 64 -17.72 -29.91 10.82
N GLY A 65 -16.76 -30.76 11.19
CA GLY A 65 -16.72 -32.16 10.73
C GLY A 65 -17.98 -32.94 11.09
N LEU A 66 -18.47 -32.78 12.31
N LEU A 66 -18.47 -32.75 12.29
CA LEU A 66 -19.70 -33.47 12.76
CA LEU A 66 -19.68 -33.48 12.74
C LEU A 66 -20.87 -33.03 11.87
C LEU A 66 -20.87 -33.03 11.90
N ALA A 67 -20.96 -31.74 11.57
CA ALA A 67 -22.05 -31.24 10.70
C ALA A 67 -21.96 -31.95 9.34
N ILE A 68 -20.77 -32.00 8.78
CA ILE A 68 -20.56 -32.63 7.46
C ILE A 68 -20.93 -34.10 7.54
N ARG A 69 -20.42 -34.82 8.52
N ARG A 69 -20.41 -34.82 8.53
CA ARG A 69 -20.72 -36.27 8.65
CA ARG A 69 -20.70 -36.27 8.69
C ARG A 69 -22.23 -36.46 8.83
C ARG A 69 -22.21 -36.47 8.86
N SER A 70 -22.88 -35.61 9.60
CA SER A 70 -24.33 -35.66 9.87
CA SER A 70 -24.33 -35.66 9.87
C SER A 70 -25.11 -35.55 8.55
N LYS A 71 -24.73 -34.61 7.69
CA LYS A 71 -25.49 -34.36 6.45
C LYS A 71 -25.19 -35.47 5.44
N ILE A 72 -24.04 -36.10 5.51
CA ILE A 72 -23.77 -37.31 4.67
C ILE A 72 -24.58 -38.49 5.21
N ALA A 73 -24.54 -38.72 6.51
CA ALA A 73 -25.21 -39.91 7.11
C ALA A 73 -26.73 -39.82 6.96
N ASP A 74 -27.31 -38.63 6.92
CA ASP A 74 -28.78 -38.45 6.84
C ASP A 74 -29.23 -38.50 5.38
N GLY A 75 -28.30 -38.62 4.44
CA GLY A 75 -28.58 -38.82 3.00
C GLY A 75 -28.71 -37.54 2.22
N SER A 76 -28.48 -36.39 2.83
CA SER A 76 -28.64 -35.07 2.17
C SER A 76 -27.56 -34.89 1.12
N VAL A 77 -26.34 -35.32 1.44
CA VAL A 77 -25.17 -35.12 0.54
C VAL A 77 -24.28 -36.36 0.65
N LYS A 78 -23.39 -36.53 -0.30
CA LYS A 78 -22.29 -37.50 -0.18
C LYS A 78 -21.00 -36.75 0.15
N ARG A 79 -20.03 -37.47 0.66
CA ARG A 79 -18.71 -36.83 0.98
C ARG A 79 -18.18 -36.06 -0.22
N GLU A 80 -18.31 -36.58 -1.43
CA GLU A 80 -17.76 -35.96 -2.66
C GLU A 80 -18.52 -34.70 -3.00
N ASP A 81 -19.70 -34.45 -2.46
CA ASP A 81 -20.45 -33.18 -2.69
C ASP A 81 -19.85 -32.04 -1.87
N ILE A 82 -19.11 -32.34 -0.81
CA ILE A 82 -18.60 -31.30 0.12
C ILE A 82 -17.14 -31.03 -0.19
N PHE A 83 -16.82 -29.75 -0.31
CA PHE A 83 -15.42 -29.28 -0.48
C PHE A 83 -15.00 -28.69 0.87
N TYR A 84 -14.22 -29.41 1.64
CA TYR A 84 -13.80 -29.00 3.01
C TYR A 84 -12.34 -28.53 2.98
N THR A 85 -12.16 -27.30 3.45
CA THR A 85 -10.81 -26.68 3.54
C THR A 85 -10.37 -26.60 5.00
N SER A 86 -9.14 -27.01 5.25
CA SER A 86 -8.46 -26.70 6.53
C SER A 86 -7.18 -25.95 6.21
N LYS A 87 -6.56 -25.44 7.26
CA LYS A 87 -5.33 -24.63 7.11
C LYS A 87 -4.33 -25.00 8.18
N LEU A 88 -3.08 -25.01 7.75
CA LEU A 88 -1.87 -25.23 8.58
C LEU A 88 -1.55 -23.96 9.33
N TRP A 89 -1.60 -24.02 10.64
CA TRP A 89 -1.32 -22.83 11.47
C TRP A 89 0.20 -22.55 11.45
N SER A 90 0.55 -21.30 11.70
CA SER A 90 1.90 -20.73 11.48
C SER A 90 2.91 -21.25 12.49
N THR A 91 2.51 -21.97 13.53
CA THR A 91 3.44 -22.65 14.47
C THR A 91 3.84 -24.02 13.92
N PHE A 92 3.31 -24.41 12.77
CA PHE A 92 3.57 -25.75 12.17
C PHE A 92 4.21 -25.63 10.79
N HIS A 93 4.86 -24.52 10.50
CA HIS A 93 5.56 -24.39 9.20
C HIS A 93 6.78 -25.29 9.07
N ARG A 94 7.47 -25.64 10.15
CA ARG A 94 8.66 -26.52 9.99
C ARG A 94 8.20 -27.81 9.36
N PRO A 95 8.88 -28.30 8.32
CA PRO A 95 8.33 -29.36 7.47
C PRO A 95 7.93 -30.63 8.24
N GLU A 96 8.65 -30.98 9.29
CA GLU A 96 8.34 -32.21 10.06
C GLU A 96 7.02 -32.05 10.83
N LEU A 97 6.52 -30.83 10.98
CA LEU A 97 5.27 -30.56 11.76
C LEU A 97 4.02 -30.54 10.85
N VAL A 98 4.18 -30.51 9.54
CA VAL A 98 3.04 -30.31 8.60
C VAL A 98 2.12 -31.51 8.56
N ARG A 99 2.66 -32.69 8.27
CA ARG A 99 1.78 -33.88 8.18
C ARG A 99 1.09 -34.16 9.52
N PRO A 100 1.78 -34.14 10.68
CA PRO A 100 1.08 -34.36 11.95
C PRO A 100 -0.03 -33.32 12.18
N ALA A 101 0.18 -32.07 11.76
CA ALA A 101 -0.84 -31.03 11.93
C ALA A 101 -2.09 -31.35 11.09
N LEU A 102 -1.87 -31.88 9.88
CA LEU A 102 -3.02 -32.23 9.01
C LEU A 102 -3.71 -33.46 9.60
N GLU A 103 -2.95 -34.45 10.03
CA GLU A 103 -3.50 -35.68 10.62
C GLU A 103 -4.34 -35.33 11.83
N ASN A 104 -3.91 -34.36 12.63
CA ASN A 104 -4.66 -33.95 13.84
C ASN A 104 -5.96 -33.26 13.40
N SER A 105 -5.90 -32.41 12.38
CA SER A 105 -7.13 -31.77 11.88
C SER A 105 -8.13 -32.85 11.40
N LEU A 106 -7.63 -33.83 10.65
CA LEU A 106 -8.49 -34.92 10.14
C LEU A 106 -9.07 -35.73 11.29
N LYS A 107 -8.30 -36.00 12.33
CA LYS A 107 -8.85 -36.74 13.48
C LYS A 107 -9.94 -35.92 14.15
N LYS A 108 -9.70 -34.64 14.38
CA LYS A 108 -10.73 -33.79 15.03
C LYS A 108 -12.00 -33.75 14.19
N ALA A 109 -11.87 -33.55 12.87
CA ALA A 109 -13.03 -33.41 11.96
C ALA A 109 -13.68 -34.77 11.65
N GLN A 110 -13.05 -35.88 12.01
N GLN A 110 -12.99 -35.86 12.00
CA GLN A 110 -13.56 -37.24 11.69
CA GLN A 110 -13.37 -37.26 11.69
C GLN A 110 -13.64 -37.39 10.16
C GLN A 110 -13.62 -37.38 10.18
N LEU A 111 -12.67 -36.85 9.41
CA LEU A 111 -12.64 -36.98 7.93
C LEU A 111 -11.42 -37.78 7.52
N ASP A 112 -11.46 -38.45 6.37
CA ASP A 112 -10.28 -39.19 5.87
C ASP A 112 -9.35 -38.27 5.09
N TYR A 113 -9.87 -37.18 4.53
CA TYR A 113 -9.07 -36.25 3.74
C TYR A 113 -9.74 -34.90 3.84
N VAL A 114 -8.98 -33.86 3.56
CA VAL A 114 -9.53 -32.52 3.26
C VAL A 114 -9.52 -32.36 1.76
N ASP A 115 -10.47 -31.58 1.25
CA ASP A 115 -10.43 -31.20 -0.18
C ASP A 115 -9.28 -30.23 -0.42
N LEU A 116 -9.00 -29.38 0.56
CA LEU A 116 -8.01 -28.32 0.36
C LEU A 116 -7.30 -28.08 1.68
N TYR A 117 -5.98 -28.10 1.61
CA TYR A 117 -5.14 -27.68 2.76
C TYR A 117 -4.32 -26.45 2.37
N LEU A 118 -4.40 -25.42 3.19
CA LEU A 118 -3.72 -24.15 2.91
C LEU A 118 -2.62 -23.91 3.93
N ILE A 119 -1.54 -23.28 3.49
CA ILE A 119 -0.71 -22.50 4.46
C ILE A 119 -1.51 -21.27 4.88
N HIS A 120 -1.89 -21.20 6.15
CA HIS A 120 -2.79 -20.13 6.64
C HIS A 120 -2.17 -18.74 6.42
N SER A 121 -0.87 -18.64 6.63
CA SER A 121 -0.20 -17.32 6.56
C SER A 121 1.27 -17.57 6.28
N PRO A 122 1.94 -16.64 5.58
CA PRO A 122 3.39 -16.76 5.38
C PRO A 122 4.19 -16.39 6.63
N MET A 123 3.55 -15.86 7.66
CA MET A 123 4.29 -15.32 8.83
C MET A 123 4.47 -16.41 9.90
N SER A 124 5.56 -17.15 9.77
CA SER A 124 5.92 -18.32 10.62
C SER A 124 6.04 -17.88 12.09
N LEU A 125 5.60 -18.71 13.00
CA LEU A 125 5.63 -18.42 14.46
C LEU A 125 6.40 -19.51 15.15
N LYS A 126 6.83 -19.26 16.39
CA LYS A 126 7.60 -20.24 17.17
C LYS A 126 6.93 -21.60 17.09
N PRO A 127 7.67 -22.66 16.74
CA PRO A 127 7.11 -23.99 16.52
C PRO A 127 6.51 -24.55 17.78
N GLY A 128 5.41 -25.30 17.58
CA GLY A 128 4.77 -26.03 18.67
C GLY A 128 3.28 -25.89 18.66
N GLU A 129 2.67 -26.52 19.66
CA GLU A 129 1.20 -26.72 19.70
C GLU A 129 0.55 -25.44 20.22
N GLU A 130 1.31 -24.60 20.94
CA GLU A 130 0.77 -23.35 21.49
C GLU A 130 0.59 -22.40 20.31
N LEU A 131 -0.66 -22.07 20.00
CA LEU A 131 -0.96 -21.39 18.72
C LEU A 131 -0.63 -19.92 18.81
N SER A 132 -0.49 -19.36 20.03
CA SER A 132 -0.20 -17.93 20.27
C SER A 132 1.05 -17.84 21.14
N PRO A 133 2.26 -18.16 20.62
CA PRO A 133 3.48 -18.10 21.42
C PRO A 133 3.85 -16.63 21.69
N THR A 134 4.07 -16.29 22.96
CA THR A 134 4.41 -14.90 23.38
C THR A 134 5.57 -14.96 24.36
N ASP A 135 6.41 -13.94 24.33
CA ASP A 135 7.66 -13.88 25.12
C ASP A 135 7.36 -13.25 26.48
N GLU A 136 8.41 -13.04 27.29
CA GLU A 136 8.27 -12.54 28.69
C GLU A 136 7.69 -11.13 28.76
N ASN A 137 7.62 -10.40 27.66
CA ASN A 137 6.99 -9.05 27.65
C ASN A 137 5.77 -9.03 26.74
N GLY A 138 5.21 -10.19 26.43
CA GLY A 138 3.90 -10.32 25.74
C GLY A 138 4.00 -10.15 24.23
N LYS A 139 5.19 -10.24 23.65
CA LYS A 139 5.37 -10.07 22.19
C LYS A 139 5.23 -11.43 21.50
N VAL A 140 4.51 -11.45 20.38
CA VAL A 140 4.40 -12.68 19.56
C VAL A 140 5.79 -13.09 19.10
N ILE A 141 6.11 -14.38 19.25
CA ILE A 141 7.44 -14.94 18.90
C ILE A 141 7.40 -15.49 17.48
N PHE A 142 8.24 -14.93 16.62
CA PHE A 142 8.35 -15.34 15.21
C PHE A 142 9.28 -16.52 15.08
N ASP A 143 9.24 -17.14 13.90
CA ASP A 143 10.18 -18.19 13.47
C ASP A 143 10.63 -17.81 12.06
N ILE A 144 11.82 -18.28 11.68
CA ILE A 144 12.36 -18.12 10.32
C ILE A 144 12.38 -19.53 9.71
N VAL A 145 11.53 -19.71 8.70
CA VAL A 145 11.38 -21.01 7.98
C VAL A 145 11.31 -20.70 6.49
N ASP A 146 12.05 -21.47 5.71
CA ASP A 146 11.95 -21.40 4.23
C ASP A 146 10.56 -21.98 3.86
N LEU A 147 9.63 -21.15 3.40
CA LEU A 147 8.26 -21.63 3.10
C LEU A 147 8.27 -22.62 1.93
N CYS A 148 9.33 -22.67 1.11
CA CYS A 148 9.46 -23.73 0.08
C CYS A 148 9.56 -25.10 0.74
N THR A 149 10.21 -25.21 1.90
CA THR A 149 10.28 -26.52 2.60
C THR A 149 8.92 -26.87 3.22
N THR A 150 8.18 -25.88 3.72
CA THR A 150 6.78 -26.11 4.15
C THR A 150 5.98 -26.63 2.96
N TRP A 151 6.15 -25.97 1.83
CA TRP A 151 5.42 -26.35 0.59
C TRP A 151 5.73 -27.82 0.21
N GLU A 152 7.00 -28.22 0.22
CA GLU A 152 7.37 -29.61 -0.08
C GLU A 152 6.64 -30.58 0.83
N ALA A 153 6.48 -30.21 2.09
CA ALA A 153 5.74 -31.08 3.03
C ALA A 153 4.26 -31.09 2.67
N MET A 154 3.69 -29.96 2.26
CA MET A 154 2.28 -29.90 1.77
C MET A 154 2.11 -30.81 0.56
N GLU A 155 3.10 -30.81 -0.35
CA GLU A 155 3.07 -31.66 -1.55
C GLU A 155 3.00 -33.14 -1.14
N LYS A 156 3.73 -33.52 -0.10
CA LYS A 156 3.74 -34.95 0.32
C LYS A 156 2.35 -35.28 0.90
N CYS A 157 1.68 -34.33 1.52
CA CYS A 157 0.31 -34.57 2.03
C CYS A 157 -0.68 -34.84 0.88
N LYS A 158 -0.54 -34.12 -0.23
CA LYS A 158 -1.33 -34.40 -1.46
C LYS A 158 -0.97 -35.80 -2.00
N ASP A 159 0.30 -36.12 -2.09
CA ASP A 159 0.69 -37.45 -2.60
C ASP A 159 0.21 -38.56 -1.67
N ALA A 160 0.06 -38.32 -0.39
CA ALA A 160 -0.42 -39.32 0.59
C ALA A 160 -1.95 -39.45 0.52
N GLY A 161 -2.62 -38.58 -0.22
CA GLY A 161 -4.09 -38.59 -0.34
C GLY A 161 -4.80 -37.89 0.82
N LEU A 162 -4.08 -37.21 1.71
CA LEU A 162 -4.70 -36.61 2.90
C LEU A 162 -5.32 -35.25 2.55
N ALA A 163 -4.83 -34.64 1.48
CA ALA A 163 -5.35 -33.38 0.92
C ALA A 163 -5.55 -33.61 -0.56
N LYS A 164 -6.75 -33.38 -1.08
CA LYS A 164 -6.92 -33.50 -2.54
C LYS A 164 -6.15 -32.42 -3.27
N SER A 165 -6.20 -31.19 -2.73
CA SER A 165 -5.54 -30.02 -3.30
C SER A 165 -4.83 -29.26 -2.19
N ILE A 166 -3.80 -28.52 -2.56
CA ILE A 166 -3.05 -27.65 -1.64
C ILE A 166 -2.93 -26.24 -2.20
N GLY A 167 -2.94 -25.27 -1.30
CA GLY A 167 -2.85 -23.87 -1.66
C GLY A 167 -2.24 -23.05 -0.57
N VAL A 168 -2.35 -21.75 -0.72
CA VAL A 168 -1.81 -20.77 0.24
C VAL A 168 -2.86 -19.73 0.59
N SER A 169 -2.56 -18.99 1.64
CA SER A 169 -3.40 -17.89 2.09
C SER A 169 -2.53 -16.74 2.55
N ASN A 170 -2.97 -15.51 2.20
CA ASN A 170 -2.32 -14.26 2.68
C ASN A 170 -0.93 -14.14 2.04
N PHE A 171 -0.73 -14.71 0.87
CA PHE A 171 0.51 -14.52 0.08
C PHE A 171 0.38 -13.30 -0.82
N ASN A 172 1.47 -12.56 -1.02
CA ASN A 172 1.57 -11.50 -2.04
C ASN A 172 2.21 -12.10 -3.30
N ARG A 173 2.37 -11.30 -4.36
N ARG A 173 2.37 -11.28 -4.35
CA ARG A 173 2.96 -11.78 -5.63
CA ARG A 173 2.91 -11.78 -5.63
C ARG A 173 4.35 -12.41 -5.39
C ARG A 173 4.29 -12.43 -5.43
N ARG A 174 5.22 -11.74 -4.64
N ARG A 174 5.20 -11.80 -4.68
CA ARG A 174 6.62 -12.20 -4.43
CA ARG A 174 6.59 -12.32 -4.56
C ARG A 174 6.58 -13.59 -3.79
C ARG A 174 6.59 -13.64 -3.79
N GLN A 175 5.70 -13.78 -2.83
CA GLN A 175 5.62 -15.05 -2.08
C GLN A 175 5.08 -16.14 -3.00
N LEU A 176 4.06 -15.84 -3.83
CA LEU A 176 3.58 -16.82 -4.81
C LEU A 176 4.73 -17.20 -5.76
N GLU A 177 5.48 -16.23 -6.24
CA GLU A 177 6.56 -16.50 -7.22
C GLU A 177 7.63 -17.41 -6.61
N MET A 178 7.89 -17.21 -5.34
CA MET A 178 8.86 -18.06 -4.60
C MET A 178 8.44 -19.53 -4.69
N ILE A 179 7.14 -19.82 -4.53
CA ILE A 179 6.67 -21.22 -4.69
C ILE A 179 6.73 -21.63 -6.17
N LEU A 180 6.26 -20.78 -7.07
CA LEU A 180 6.18 -21.16 -8.50
C LEU A 180 7.58 -21.44 -9.06
N ASN A 181 8.58 -20.76 -8.50
CA ASN A 181 9.98 -20.91 -8.99
C ASN A 181 10.74 -21.95 -8.19
N LYS A 182 10.12 -22.60 -7.23
CA LYS A 182 10.84 -23.58 -6.40
C LYS A 182 11.43 -24.66 -7.28
N PRO A 183 12.73 -24.96 -7.13
CA PRO A 183 13.31 -26.09 -7.84
C PRO A 183 12.56 -27.40 -7.54
N GLY A 184 12.24 -28.15 -8.59
CA GLY A 184 11.63 -29.47 -8.43
C GLY A 184 10.18 -29.38 -7.95
N LEU A 185 9.55 -28.22 -8.11
CA LEU A 185 8.11 -28.04 -7.77
C LEU A 185 7.30 -29.20 -8.35
N LYS A 186 6.42 -29.78 -7.55
N LYS A 186 6.40 -29.73 -7.55
CA LYS A 186 5.50 -30.86 -7.98
CA LYS A 186 5.52 -30.83 -7.98
C LYS A 186 4.12 -30.26 -8.28
C LYS A 186 4.12 -30.27 -8.27
N TYR A 187 3.59 -29.46 -7.36
CA TYR A 187 2.20 -28.95 -7.43
C TYR A 187 2.22 -27.46 -7.18
N LYS A 188 1.74 -26.68 -8.13
CA LYS A 188 1.46 -25.26 -7.88
C LYS A 188 0.40 -25.16 -6.78
N PRO A 189 0.33 -24.03 -6.08
CA PRO A 189 -0.84 -23.75 -5.25
C PRO A 189 -2.08 -23.69 -6.15
N VAL A 190 -3.20 -24.23 -5.71
CA VAL A 190 -4.45 -24.15 -6.51
C VAL A 190 -5.09 -22.79 -6.27
N CYS A 191 -4.79 -22.14 -5.15
CA CYS A 191 -5.46 -20.89 -4.76
C CYS A 191 -4.58 -20.10 -3.84
N ASN A 192 -4.94 -18.83 -3.73
CA ASN A 192 -4.43 -17.88 -2.73
C ASN A 192 -5.67 -17.27 -2.09
N GLN A 193 -5.91 -17.59 -0.84
CA GLN A 193 -7.08 -17.06 -0.09
C GLN A 193 -6.66 -15.78 0.63
N VAL A 194 -7.22 -14.66 0.22
CA VAL A 194 -6.76 -13.32 0.67
C VAL A 194 -7.96 -12.46 1.05
N GLU A 195 -7.71 -11.39 1.79
CA GLU A 195 -8.74 -10.38 2.06
C GLU A 195 -9.15 -9.70 0.74
N CYS A 196 -10.43 -9.69 0.41
CA CYS A 196 -10.86 -9.14 -0.89
C CYS A 196 -12.33 -8.75 -0.83
N HIS A 197 -12.61 -7.46 -1.08
CA HIS A 197 -13.97 -6.87 -1.01
C HIS A 197 -13.90 -5.57 -1.79
N PRO A 198 -15.03 -4.90 -2.03
CA PRO A 198 -15.03 -3.69 -2.87
C PRO A 198 -14.13 -2.56 -2.36
N TYR A 199 -13.77 -2.55 -1.10
CA TYR A 199 -12.87 -1.49 -0.57
C TYR A 199 -11.40 -1.91 -0.73
N PHE A 200 -11.13 -3.19 -1.02
CA PHE A 200 -9.77 -3.75 -1.23
C PHE A 200 -9.95 -4.89 -2.24
N ASN A 201 -10.05 -4.55 -3.53
CA ASN A 201 -10.55 -5.52 -4.53
C ASN A 201 -9.41 -6.37 -5.13
N ARG A 202 -8.15 -6.11 -4.81
CA ARG A 202 -6.98 -6.96 -5.16
C ARG A 202 -6.90 -7.13 -6.69
N SER A 203 -7.26 -6.13 -7.49
CA SER A 203 -7.34 -6.27 -8.98
C SER A 203 -6.00 -6.75 -9.58
N LYS A 204 -4.86 -6.21 -9.15
CA LYS A 204 -3.56 -6.59 -9.75
C LYS A 204 -3.19 -8.01 -9.31
N LEU A 205 -3.39 -8.32 -8.04
CA LEU A 205 -3.10 -9.70 -7.58
C LEU A 205 -4.01 -10.70 -8.31
N LEU A 206 -5.28 -10.35 -8.50
CA LEU A 206 -6.24 -11.22 -9.19
C LEU A 206 -5.76 -11.50 -10.61
N ASP A 207 -5.38 -10.43 -11.32
N ASP A 207 -5.37 -10.47 -11.39
CA ASP A 207 -4.83 -10.55 -12.68
CA ASP A 207 -4.92 -10.73 -12.78
C ASP A 207 -3.66 -11.53 -12.69
C ASP A 207 -3.63 -11.56 -12.73
N PHE A 208 -2.73 -11.36 -11.76
CA PHE A 208 -1.53 -12.21 -11.65
C PHE A 208 -1.93 -13.67 -11.40
N CYS A 209 -2.81 -13.86 -10.41
CA CYS A 209 -3.27 -15.22 -10.08
C CYS A 209 -3.91 -15.85 -11.32
N LYS A 210 -4.83 -15.17 -12.02
CA LYS A 210 -5.51 -15.80 -13.18
C LYS A 210 -4.45 -16.22 -14.22
N SER A 211 -3.41 -15.41 -14.38
CA SER A 211 -2.37 -15.62 -15.41
C SER A 211 -1.61 -16.92 -15.12
N LYS A 212 -1.55 -17.36 -13.85
CA LYS A 212 -0.87 -18.60 -13.38
C LYS A 212 -1.88 -19.72 -13.11
N ASP A 213 -3.14 -19.52 -13.46
CA ASP A 213 -4.25 -20.47 -13.16
C ASP A 213 -4.26 -20.79 -11.67
N ILE A 214 -4.14 -19.77 -10.84
CA ILE A 214 -4.30 -19.81 -9.37
C ILE A 214 -5.63 -19.10 -9.10
N VAL A 215 -6.52 -19.73 -8.35
CA VAL A 215 -7.82 -19.12 -7.98
C VAL A 215 -7.62 -18.16 -6.80
N LEU A 216 -8.11 -16.93 -6.91
CA LEU A 216 -8.14 -16.01 -5.76
C LEU A 216 -9.43 -16.34 -5.00
N VAL A 217 -9.31 -16.66 -3.72
CA VAL A 217 -10.48 -16.91 -2.83
C VAL A 217 -10.57 -15.74 -1.87
N ALA A 218 -11.70 -15.06 -1.84
CA ALA A 218 -11.90 -13.83 -1.05
C ALA A 218 -12.42 -14.16 0.34
N TYR A 219 -11.72 -13.69 1.36
CA TYR A 219 -12.25 -13.61 2.73
C TYR A 219 -12.53 -12.17 3.11
N SER A 220 -13.36 -12.04 4.13
CA SER A 220 -13.86 -10.72 4.55
C SER A 220 -14.56 -10.04 3.37
N ALA A 221 -15.17 -10.81 2.51
CA ALA A 221 -15.88 -10.31 1.33
C ALA A 221 -17.12 -9.52 1.72
N LEU A 222 -17.61 -9.64 2.94
CA LEU A 222 -18.74 -8.79 3.43
C LEU A 222 -18.21 -7.76 4.43
N GLY A 223 -16.90 -7.52 4.48
CA GLY A 223 -16.34 -6.42 5.27
C GLY A 223 -15.84 -6.86 6.63
N SER A 224 -15.70 -8.15 6.88
CA SER A 224 -15.15 -8.72 8.12
C SER A 224 -16.17 -8.66 9.24
N GLN A 225 -15.90 -9.40 10.31
CA GLN A 225 -16.72 -9.43 11.54
C GLN A 225 -16.38 -8.24 12.45
N ARG A 226 -15.38 -7.43 12.09
CA ARG A 226 -15.10 -6.14 12.77
C ARG A 226 -14.82 -6.46 14.22
N ASP A 227 -14.13 -7.57 14.51
CA ASP A 227 -13.71 -7.90 15.89
C ASP A 227 -12.76 -6.78 16.33
N LYS A 228 -13.03 -6.10 17.45
N LYS A 228 -13.06 -6.15 17.47
CA LYS A 228 -12.20 -4.92 17.83
CA LYS A 228 -12.30 -4.98 17.98
C LYS A 228 -10.79 -5.37 18.25
C LYS A 228 -10.84 -5.37 18.30
N ARG A 229 -10.54 -6.65 18.51
CA ARG A 229 -9.16 -7.10 18.75
C ARG A 229 -8.32 -6.97 17.48
N TRP A 230 -8.94 -7.08 16.30
CA TRP A 230 -8.20 -7.37 15.03
C TRP A 230 -8.49 -6.30 13.98
N VAL A 231 -9.60 -5.58 14.10
CA VAL A 231 -10.10 -4.63 13.06
C VAL A 231 -10.38 -3.28 13.75
N ASP A 232 -9.85 -2.21 13.17
CA ASP A 232 -10.09 -0.82 13.64
C ASP A 232 -11.58 -0.54 13.58
N PRO A 233 -12.25 -0.23 14.71
CA PRO A 233 -13.68 0.08 14.70
C PRO A 233 -14.02 1.41 14.00
N ASN A 234 -13.02 2.24 13.70
CA ASN A 234 -13.18 3.48 12.90
C ASN A 234 -13.19 3.16 11.40
N SER A 235 -12.91 1.92 10.99
CA SER A 235 -12.92 1.53 9.56
C SER A 235 -14.35 1.69 9.06
N PRO A 236 -14.56 2.13 7.79
CA PRO A 236 -15.91 2.21 7.27
C PRO A 236 -16.52 0.81 7.18
N VAL A 237 -17.81 0.73 7.42
CA VAL A 237 -18.59 -0.53 7.36
C VAL A 237 -18.94 -0.79 5.91
N LEU A 238 -18.38 -1.85 5.33
CA LEU A 238 -18.58 -2.15 3.90
C LEU A 238 -20.08 -2.19 3.57
N LEU A 239 -20.90 -2.90 4.33
CA LEU A 239 -22.29 -3.15 3.88
C LEU A 239 -23.17 -1.92 4.05
N GLU A 240 -22.68 -0.87 4.71
CA GLU A 240 -23.43 0.42 4.80
C GLU A 240 -23.13 1.26 3.56
N ASP A 241 -22.25 0.83 2.66
CA ASP A 241 -21.75 1.67 1.55
C ASP A 241 -22.93 2.13 0.70
N PRO A 242 -23.04 3.44 0.33
CA PRO A 242 -24.20 3.89 -0.43
C PRO A 242 -24.32 3.31 -1.84
N VAL A 243 -23.20 2.99 -2.51
CA VAL A 243 -23.26 2.37 -3.86
C VAL A 243 -23.80 0.94 -3.72
N LEU A 244 -23.28 0.17 -2.77
CA LEU A 244 -23.75 -1.22 -2.58
C LEU A 244 -25.23 -1.20 -2.21
N CYS A 245 -25.64 -0.27 -1.33
CA CYS A 245 -27.05 -0.22 -0.88
C CYS A 245 -27.96 0.21 -2.02
N ALA A 246 -27.53 1.16 -2.84
CA ALA A 246 -28.35 1.61 -3.98
C ALA A 246 -28.47 0.47 -4.99
N LEU A 247 -27.39 -0.27 -5.23
CA LEU A 247 -27.45 -1.45 -6.13
C LEU A 247 -28.35 -2.54 -5.55
N ALA A 248 -28.33 -2.75 -4.25
CA ALA A 248 -29.22 -3.72 -3.58
C ALA A 248 -30.68 -3.34 -3.85
N LYS A 249 -30.98 -2.05 -3.73
N LYS A 249 -30.99 -2.05 -3.76
CA LYS A 249 -32.35 -1.50 -3.93
CA LYS A 249 -32.39 -1.58 -3.93
C LYS A 249 -32.74 -1.72 -5.39
C LYS A 249 -32.76 -1.73 -5.40
N LYS A 250 -31.84 -1.40 -6.32
CA LYS A 250 -32.08 -1.53 -7.78
C LYS A 250 -32.43 -2.98 -8.12
N HIS A 251 -31.71 -3.94 -7.53
CA HIS A 251 -31.85 -5.37 -7.88
C HIS A 251 -32.85 -6.07 -6.96
N LYS A 252 -33.38 -5.38 -5.94
CA LYS A 252 -34.22 -6.02 -4.91
C LYS A 252 -33.45 -7.19 -4.31
N ARG A 253 -32.19 -6.89 -3.98
CA ARG A 253 -31.31 -7.82 -3.26
C ARG A 253 -30.86 -7.10 -2.00
N THR A 254 -29.72 -7.48 -1.48
CA THR A 254 -29.16 -6.91 -0.23
C THR A 254 -27.74 -6.48 -0.52
N PRO A 255 -27.16 -5.55 0.26
CA PRO A 255 -25.77 -5.17 0.01
C PRO A 255 -24.81 -6.38 0.05
N ALA A 256 -24.98 -7.31 0.99
CA ALA A 256 -24.17 -8.55 1.05
C ALA A 256 -24.25 -9.28 -0.30
N LEU A 257 -25.44 -9.49 -0.84
CA LEU A 257 -25.59 -10.23 -2.13
C LEU A 257 -24.88 -9.47 -3.25
N ILE A 258 -24.96 -8.14 -3.25
CA ILE A 258 -24.24 -7.36 -4.28
C ILE A 258 -22.74 -7.65 -4.13
N ALA A 259 -22.23 -7.58 -2.90
CA ALA A 259 -20.78 -7.76 -2.64
C ALA A 259 -20.33 -9.17 -3.03
N LEU A 260 -21.16 -10.17 -2.82
CA LEU A 260 -20.84 -11.58 -3.19
C LEU A 260 -20.85 -11.70 -4.71
N ARG A 261 -21.89 -11.18 -5.34
CA ARG A 261 -22.05 -11.37 -6.79
C ARG A 261 -20.93 -10.67 -7.54
N TYR A 262 -20.52 -9.53 -7.05
CA TYR A 262 -19.37 -8.78 -7.60
C TYR A 262 -18.16 -9.71 -7.75
N GLN A 263 -17.85 -10.45 -6.68
CA GLN A 263 -16.68 -11.35 -6.72
C GLN A 263 -16.92 -12.49 -7.75
N LEU A 264 -18.11 -13.07 -7.77
CA LEU A 264 -18.33 -14.21 -8.71
C LEU A 264 -18.12 -13.74 -10.15
N GLN A 265 -18.57 -12.54 -10.49
CA GLN A 265 -18.51 -12.07 -11.90
C GLN A 265 -17.07 -11.73 -12.29
N ARG A 266 -16.18 -11.53 -11.34
CA ARG A 266 -14.77 -11.20 -11.66
C ARG A 266 -13.92 -12.47 -11.56
N GLY A 267 -14.51 -13.66 -11.43
CA GLY A 267 -13.77 -14.94 -11.41
C GLY A 267 -13.13 -15.20 -10.06
N VAL A 268 -13.62 -14.57 -8.99
CA VAL A 268 -13.14 -14.82 -7.61
C VAL A 268 -14.07 -15.83 -6.98
N VAL A 269 -13.49 -16.77 -6.25
CA VAL A 269 -14.29 -17.65 -5.39
C VAL A 269 -14.48 -16.89 -4.07
N VAL A 270 -15.71 -16.86 -3.61
CA VAL A 270 -16.03 -15.94 -2.49
C VAL A 270 -16.51 -16.74 -1.27
N LEU A 271 -15.97 -16.42 -0.10
CA LEU A 271 -16.47 -16.98 1.16
C LEU A 271 -17.49 -16.03 1.76
N ALA A 272 -18.39 -16.53 2.58
CA ALA A 272 -19.35 -15.71 3.33
C ALA A 272 -19.58 -16.38 4.67
N LYS A 273 -19.22 -15.71 5.76
CA LYS A 273 -19.52 -16.24 7.10
C LYS A 273 -20.88 -15.68 7.51
N SER A 274 -21.75 -16.54 8.04
CA SER A 274 -22.91 -16.09 8.80
C SER A 274 -23.22 -17.18 9.80
N TYR A 275 -23.52 -16.75 11.03
CA TYR A 275 -24.05 -17.68 12.03
C TYR A 275 -25.54 -17.40 12.24
N ASN A 276 -26.18 -16.71 11.29
CA ASN A 276 -27.62 -16.34 11.40
C ASN A 276 -28.41 -17.17 10.37
N GLU A 277 -29.45 -17.88 10.79
N GLU A 277 -29.45 -17.87 10.80
CA GLU A 277 -30.15 -18.80 9.86
CA GLU A 277 -30.18 -18.80 9.90
C GLU A 277 -30.67 -18.01 8.66
C GLU A 277 -30.71 -18.04 8.68
N GLN A 278 -31.27 -16.84 8.85
CA GLN A 278 -31.86 -16.09 7.73
C GLN A 278 -30.76 -15.66 6.77
N ARG A 279 -29.63 -15.15 7.27
CA ARG A 279 -28.56 -14.66 6.36
C ARG A 279 -27.85 -15.80 5.64
N ILE A 280 -27.71 -16.96 6.28
CA ILE A 280 -27.15 -18.17 5.63
C ILE A 280 -28.01 -18.49 4.40
N ARG A 281 -29.33 -18.51 4.57
N ARG A 281 -29.32 -18.51 4.56
CA ARG A 281 -30.28 -18.86 3.48
CA ARG A 281 -30.25 -18.87 3.46
C ARG A 281 -30.28 -17.75 2.43
C ARG A 281 -30.30 -17.74 2.43
N GLN A 282 -30.04 -16.52 2.85
CA GLN A 282 -29.98 -15.39 1.91
C GLN A 282 -28.78 -15.56 0.98
N ASN A 283 -27.63 -15.91 1.55
CA ASN A 283 -26.36 -15.78 0.80
C ASN A 283 -26.31 -16.70 -0.40
N VAL A 284 -26.98 -17.84 -0.36
CA VAL A 284 -26.96 -18.77 -1.50
C VAL A 284 -27.75 -18.21 -2.67
N GLN A 285 -28.49 -17.12 -2.48
CA GLN A 285 -29.27 -16.47 -3.58
C GLN A 285 -28.34 -15.74 -4.54
N VAL A 286 -27.04 -15.72 -4.28
CA VAL A 286 -26.08 -15.02 -5.16
C VAL A 286 -26.18 -15.55 -6.60
N PHE A 287 -26.58 -16.81 -6.81
CA PHE A 287 -26.66 -17.40 -8.16
C PHE A 287 -27.96 -17.01 -8.89
N GLU A 288 -28.84 -16.24 -8.25
CA GLU A 288 -30.18 -15.97 -8.84
C GLU A 288 -30.21 -14.73 -9.72
N PHE A 289 -29.20 -13.90 -9.70
CA PHE A 289 -29.25 -12.60 -10.37
C PHE A 289 -27.87 -12.24 -10.87
N GLN A 290 -27.80 -11.21 -11.71
CA GLN A 290 -26.50 -10.75 -12.21
C GLN A 290 -26.43 -9.23 -12.22
N LEU A 291 -25.21 -8.75 -12.05
CA LEU A 291 -24.86 -7.33 -12.08
C LEU A 291 -24.53 -6.95 -13.52
N THR A 292 -24.93 -5.77 -13.95
CA THR A 292 -24.59 -5.29 -15.31
C THR A 292 -23.13 -4.87 -15.35
N ALA A 293 -22.57 -4.63 -16.54
CA ALA A 293 -21.19 -4.13 -16.69
C ALA A 293 -21.06 -2.77 -15.99
N GLU A 294 -22.09 -1.93 -16.10
CA GLU A 294 -22.13 -0.61 -15.43
C GLU A 294 -22.09 -0.82 -13.90
N ASP A 295 -22.88 -1.74 -13.36
CA ASP A 295 -22.90 -2.04 -11.90
C ASP A 295 -21.48 -2.46 -11.47
N MET A 296 -20.85 -3.34 -12.25
CA MET A 296 -19.50 -3.85 -11.92
C MET A 296 -18.48 -2.70 -11.89
N LYS A 297 -18.59 -1.75 -12.81
CA LYS A 297 -17.66 -0.60 -12.87
CA LYS A 297 -17.66 -0.60 -12.88
C LYS A 297 -17.89 0.30 -11.66
N ALA A 298 -19.13 0.47 -11.25
CA ALA A 298 -19.48 1.30 -10.07
C ALA A 298 -18.84 0.67 -8.83
N ILE A 299 -18.87 -0.65 -8.72
CA ILE A 299 -18.29 -1.32 -7.52
C ILE A 299 -16.76 -1.29 -7.61
N ASP A 300 -16.19 -1.41 -8.80
CA ASP A 300 -14.71 -1.33 -8.98
C ASP A 300 -14.26 0.03 -8.44
N GLY A 301 -15.10 1.04 -8.59
CA GLY A 301 -14.83 2.46 -8.21
C GLY A 301 -14.72 2.64 -6.71
N LEU A 302 -15.15 1.66 -5.90
CA LEU A 302 -15.11 1.75 -4.42
C LEU A 302 -13.72 1.42 -3.88
N ASP A 303 -12.84 0.86 -4.71
CA ASP A 303 -11.53 0.33 -4.23
C ASP A 303 -10.78 1.48 -3.53
N ARG A 304 -10.30 1.25 -2.32
CA ARG A 304 -9.53 2.28 -1.56
C ARG A 304 -8.44 1.63 -0.73
N ASN A 305 -8.00 0.43 -1.10
CA ASN A 305 -6.86 -0.26 -0.47
C ASN A 305 -7.07 -0.34 1.05
N LEU A 306 -8.31 -0.54 1.49
CA LEU A 306 -8.66 -0.63 2.93
C LEU A 306 -8.51 -2.08 3.37
N HIS A 307 -7.55 -2.34 4.26
CA HIS A 307 -7.26 -3.65 4.88
C HIS A 307 -7.98 -3.68 6.21
N TYR A 308 -9.02 -4.48 6.38
CA TYR A 308 -9.68 -4.61 7.71
C TYR A 308 -8.68 -5.23 8.67
N PHE A 309 -7.92 -6.22 8.22
CA PHE A 309 -6.84 -6.83 9.05
C PHE A 309 -5.54 -6.04 8.85
N ASN A 310 -5.04 -5.42 9.95
N ASN A 310 -5.09 -5.44 9.98
CA ASN A 310 -3.79 -4.63 9.94
CA ASN A 310 -3.88 -4.58 10.13
C ASN A 310 -2.71 -5.34 10.78
C ASN A 310 -2.67 -5.45 10.53
N SER A 311 -2.93 -6.62 11.13
CA SER A 311 -1.88 -7.54 11.66
C SER A 311 -0.86 -6.80 12.54
N ASP A 312 -1.30 -5.95 13.50
CA ASP A 312 -0.41 -5.04 14.28
C ASP A 312 0.58 -5.88 15.10
N SER A 313 0.16 -7.04 15.62
CA SER A 313 1.00 -7.94 16.47
C SER A 313 2.08 -8.66 15.64
N PHE A 314 1.99 -8.65 14.30
CA PHE A 314 3.05 -9.16 13.39
C PHE A 314 3.92 -8.01 12.87
N ALA A 315 3.96 -6.89 13.58
CA ALA A 315 4.88 -5.75 13.32
C ALA A 315 6.30 -6.30 13.27
N SER A 316 7.00 -6.07 12.14
CA SER A 316 8.43 -6.37 11.91
C SER A 316 8.63 -7.81 11.39
N HIS A 317 7.56 -8.59 11.24
CA HIS A 317 7.78 -9.94 10.68
C HIS A 317 8.33 -9.80 9.27
N PRO A 318 9.42 -10.51 8.92
CA PRO A 318 9.98 -10.46 7.56
C PRO A 318 9.01 -10.81 6.42
N ASN A 319 7.93 -11.56 6.73
CA ASN A 319 7.03 -12.20 5.73
C ASN A 319 5.70 -11.44 5.70
N TYR A 320 5.63 -10.28 6.37
CA TYR A 320 4.44 -9.41 6.34
C TYR A 320 4.08 -9.15 4.87
N PRO A 321 2.90 -9.58 4.37
CA PRO A 321 2.64 -9.57 2.93
C PRO A 321 2.22 -8.21 2.36
N TYR A 322 1.84 -7.23 3.20
CA TYR A 322 1.31 -5.90 2.79
C TYR A 322 2.45 -4.88 2.78
N GLN B 9 6.90 32.26 8.26
CA GLN B 9 6.31 31.00 8.76
C GLN B 9 7.29 29.86 8.46
N CYS B 10 8.21 29.55 9.37
CA CYS B 10 9.38 28.65 9.14
CA CYS B 10 9.32 28.60 9.09
C CYS B 10 9.46 27.55 10.19
N VAL B 11 10.26 26.56 9.93
CA VAL B 11 10.62 25.49 10.88
C VAL B 11 12.13 25.51 10.99
N LYS B 12 12.65 25.22 12.16
CA LYS B 12 14.10 25.11 12.34
C LYS B 12 14.55 23.73 11.91
N LEU B 13 15.58 23.68 11.07
CA LEU B 13 16.22 22.43 10.64
C LEU B 13 17.28 22.00 11.65
N ASN B 14 17.68 20.75 11.58
CA ASN B 14 18.54 20.12 12.61
C ASN B 14 19.98 20.65 12.50
N ASP B 15 20.29 21.47 11.49
CA ASP B 15 21.61 22.13 11.39
C ASP B 15 21.54 23.60 11.80
N GLY B 16 20.41 24.03 12.32
CA GLY B 16 20.25 25.40 12.84
C GLY B 16 19.75 26.39 11.80
N HIS B 17 19.64 26.01 10.52
CA HIS B 17 19.00 26.88 9.48
C HIS B 17 17.48 26.77 9.56
N PHE B 18 16.77 27.63 8.88
CA PHE B 18 15.30 27.72 8.91
C PHE B 18 14.75 27.56 7.50
N MET B 19 13.67 26.80 7.42
CA MET B 19 13.01 26.44 6.15
C MET B 19 11.57 26.96 6.21
N PRO B 20 11.13 27.80 5.25
CA PRO B 20 9.72 28.20 5.18
C PRO B 20 8.85 26.99 4.96
N VAL B 21 7.71 26.97 5.64
CA VAL B 21 6.87 25.73 5.67
C VAL B 21 6.00 25.61 4.43
N LEU B 22 5.85 26.67 3.64
CA LEU B 22 5.22 26.61 2.31
C LEU B 22 6.29 26.85 1.24
N GLY B 23 6.36 25.94 0.28
CA GLY B 23 7.31 26.02 -0.83
C GLY B 23 6.61 26.03 -2.17
N PHE B 24 7.23 26.74 -3.12
CA PHE B 24 6.74 26.88 -4.50
C PHE B 24 7.35 25.77 -5.35
N GLY B 25 6.50 24.91 -5.94
CA GLY B 25 6.96 23.87 -6.86
C GLY B 25 7.18 24.43 -8.24
N THR B 26 8.36 24.19 -8.84
CA THR B 26 8.71 24.82 -10.13
C THR B 26 8.70 23.84 -11.31
N TYR B 27 8.53 22.53 -11.10
CA TYR B 27 8.53 21.61 -12.26
C TYR B 27 7.35 21.94 -13.18
N ALA B 28 7.66 22.07 -14.47
CA ALA B 28 6.67 22.06 -15.56
C ALA B 28 7.19 21.13 -16.65
N PRO B 29 6.31 20.41 -17.34
CA PRO B 29 6.75 19.49 -18.39
C PRO B 29 7.35 20.28 -19.56
N PRO B 30 8.08 19.58 -20.44
CA PRO B 30 8.86 20.25 -21.48
C PRO B 30 8.03 20.97 -22.53
N GLU B 31 6.71 20.74 -22.61
CA GLU B 31 5.83 21.40 -23.60
C GLU B 31 5.53 22.82 -23.11
N VAL B 32 5.83 23.13 -21.84
CA VAL B 32 5.70 24.49 -21.28
C VAL B 32 6.98 25.26 -21.64
N PRO B 33 6.85 26.41 -22.30
CA PRO B 33 8.01 27.20 -22.66
C PRO B 33 8.86 27.57 -21.43
N ARG B 34 10.17 27.59 -21.62
CA ARG B 34 11.11 27.80 -20.49
C ARG B 34 10.87 29.17 -19.87
N SER B 35 10.42 30.16 -20.63
CA SER B 35 10.17 31.53 -20.14
C SER B 35 9.12 31.55 -19.01
N LYS B 36 8.24 30.56 -18.94
CA LYS B 36 7.15 30.61 -17.94
C LYS B 36 7.73 30.49 -16.54
N ALA B 37 8.79 29.72 -16.34
CA ALA B 37 9.39 29.53 -15.00
C ALA B 37 9.83 30.89 -14.43
N LEU B 38 10.37 31.75 -15.28
CA LEU B 38 10.78 33.13 -14.88
C LEU B 38 9.53 33.91 -14.42
N GLU B 39 8.50 33.94 -15.25
CA GLU B 39 7.24 34.68 -14.96
C GLU B 39 6.63 34.18 -13.64
N VAL B 40 6.45 32.87 -13.49
CA VAL B 40 5.65 32.34 -12.35
C VAL B 40 6.49 32.35 -11.07
N THR B 41 7.82 32.22 -11.14
CA THR B 41 8.61 32.34 -9.90
C THR B 41 8.53 33.80 -9.39
N LYS B 42 8.54 34.79 -10.27
CA LYS B 42 8.39 36.18 -9.85
C LYS B 42 7.00 36.35 -9.22
N LEU B 43 5.98 35.81 -9.86
CA LEU B 43 4.61 35.90 -9.29
C LEU B 43 4.58 35.26 -7.90
N ALA B 44 5.22 34.11 -7.74
CA ALA B 44 5.18 33.38 -6.47
C ALA B 44 5.84 34.26 -5.39
N ILE B 45 7.01 34.82 -5.69
CA ILE B 45 7.70 35.71 -4.71
C ILE B 45 6.79 36.94 -4.41
N GLU B 46 6.16 37.52 -5.40
CA GLU B 46 5.24 38.66 -5.19
C GLU B 46 4.09 38.25 -4.26
N ALA B 47 3.58 37.03 -4.39
CA ALA B 47 2.44 36.54 -3.58
C ALA B 47 2.87 36.22 -2.17
N GLY B 48 4.17 36.02 -1.93
CA GLY B 48 4.68 35.77 -0.57
C GLY B 48 5.41 34.45 -0.42
N PHE B 49 5.59 33.67 -1.47
CA PHE B 49 6.42 32.45 -1.38
C PHE B 49 7.89 32.86 -1.21
N ARG B 50 8.60 32.17 -0.35
N ARG B 50 8.59 32.15 -0.34
CA ARG B 50 10.05 32.40 -0.14
CA ARG B 50 10.01 32.41 0.01
C ARG B 50 10.84 31.13 -0.44
C ARG B 50 10.85 31.14 0.02
N HIS B 51 10.20 29.99 -0.29
CA HIS B 51 10.81 28.64 -0.38
C HIS B 51 10.50 28.28 -1.84
N ILE B 52 11.54 28.01 -2.62
N ILE B 52 11.54 28.02 -2.64
CA ILE B 52 11.40 27.71 -4.06
CA ILE B 52 11.43 27.72 -4.08
C ILE B 52 12.13 26.40 -4.32
C ILE B 52 12.14 26.39 -4.31
N ASP B 53 11.41 25.45 -4.89
CA ASP B 53 11.90 24.07 -5.09
C ASP B 53 12.22 23.86 -6.57
N SER B 54 13.49 23.66 -6.88
CA SER B 54 13.92 23.32 -8.25
C SER B 54 14.90 22.13 -8.19
N ALA B 55 15.55 21.84 -9.33
CA ALA B 55 16.35 20.64 -9.52
C ALA B 55 17.07 20.77 -10.85
N HIS B 56 18.26 20.21 -10.96
CA HIS B 56 18.94 20.14 -12.27
C HIS B 56 18.01 19.50 -13.32
N LEU B 57 17.32 18.43 -12.92
CA LEU B 57 16.48 17.66 -13.87
C LEU B 57 15.38 18.56 -14.48
N TYR B 58 14.97 19.63 -13.83
CA TYR B 58 13.75 20.38 -14.23
C TYR B 58 14.03 21.28 -15.42
N ASN B 59 15.28 21.44 -15.79
CA ASN B 59 15.64 22.29 -16.93
C ASN B 59 15.01 23.67 -16.74
N ASN B 60 15.10 24.25 -15.55
CA ASN B 60 14.55 25.60 -15.29
C ASN B 60 15.41 26.40 -14.32
N GLU B 61 16.59 25.92 -13.90
CA GLU B 61 17.36 26.64 -12.86
C GLU B 61 17.78 28.03 -13.37
N GLU B 62 18.07 28.15 -14.66
CA GLU B 62 18.47 29.48 -15.19
C GLU B 62 17.32 30.46 -14.96
N GLN B 63 16.08 30.08 -15.30
CA GLN B 63 14.91 30.97 -15.23
C GLN B 63 14.46 31.21 -13.79
N VAL B 64 14.49 30.17 -12.97
CA VAL B 64 14.15 30.29 -11.52
C VAL B 64 15.21 31.17 -10.81
N GLY B 65 16.50 30.97 -11.12
CA GLY B 65 17.54 31.83 -10.56
C GLY B 65 17.39 33.29 -10.98
N LEU B 66 17.02 33.52 -12.25
N LEU B 66 17.05 33.54 -12.25
CA LEU B 66 16.87 34.91 -12.75
CA LEU B 66 16.86 34.94 -12.75
C LEU B 66 15.70 35.60 -12.04
C LEU B 66 15.70 35.60 -12.01
N ALA B 67 14.62 34.87 -11.80
CA ALA B 67 13.48 35.40 -11.04
C ALA B 67 13.92 35.81 -9.65
N ILE B 68 14.69 34.96 -9.01
CA ILE B 68 15.20 35.24 -7.65
C ILE B 68 16.11 36.47 -7.71
N ARG B 69 17.10 36.46 -8.61
N ARG B 69 17.08 36.46 -8.61
CA ARG B 69 18.06 37.59 -8.72
CA ARG B 69 18.04 37.59 -8.73
C ARG B 69 17.28 38.87 -9.03
C ARG B 69 17.26 38.87 -9.02
N SER B 70 16.25 38.82 -9.87
CA SER B 70 15.45 40.01 -10.25
C SER B 70 14.75 40.60 -9.04
N LYS B 71 14.11 39.78 -8.21
CA LYS B 71 13.35 40.22 -7.01
C LYS B 71 14.29 40.70 -5.93
N ILE B 72 15.52 40.22 -5.90
CA ILE B 72 16.57 40.75 -4.98
C ILE B 72 16.98 42.12 -5.51
N ALA B 73 17.34 42.21 -6.78
CA ALA B 73 17.93 43.44 -7.35
C ALA B 73 16.89 44.55 -7.36
N ASP B 74 15.61 44.22 -7.43
CA ASP B 74 14.56 45.27 -7.48
C ASP B 74 14.17 45.73 -6.06
N GLY B 75 14.71 45.07 -5.03
CA GLY B 75 14.46 45.49 -3.64
C GLY B 75 13.28 44.81 -3.00
N SER B 76 12.60 43.89 -3.68
CA SER B 76 11.40 43.17 -3.14
C SER B 76 11.82 42.27 -1.96
N VAL B 77 12.98 41.63 -2.06
CA VAL B 77 13.49 40.65 -1.07
C VAL B 77 15.00 40.81 -1.03
N LYS B 78 15.65 40.27 -0.02
CA LYS B 78 17.11 40.09 -0.03
C LYS B 78 17.40 38.60 -0.26
N ARG B 79 18.63 38.28 -0.60
CA ARG B 79 18.99 36.87 -0.84
C ARG B 79 18.59 36.01 0.36
N GLU B 80 18.82 36.48 1.59
CA GLU B 80 18.59 35.67 2.80
C GLU B 80 17.09 35.43 3.05
N ASP B 81 16.20 36.14 2.39
CA ASP B 81 14.74 35.94 2.48
C ASP B 81 14.33 34.72 1.65
N ILE B 82 15.11 34.35 0.64
CA ILE B 82 14.74 33.22 -0.27
C ILE B 82 15.41 31.96 0.20
N PHE B 83 14.67 30.88 0.15
CA PHE B 83 15.15 29.52 0.48
C PHE B 83 15.08 28.71 -0.81
N TYR B 84 16.21 28.59 -1.48
CA TYR B 84 16.29 27.94 -2.81
C TYR B 84 16.81 26.51 -2.63
N THR B 85 16.08 25.56 -3.14
CA THR B 85 16.45 24.13 -3.17
C THR B 85 16.84 23.72 -4.59
N SER B 86 17.97 23.06 -4.72
CA SER B 86 18.27 22.26 -5.93
C SER B 86 18.47 20.82 -5.51
N LYS B 87 18.62 19.96 -6.51
CA LYS B 87 18.75 18.50 -6.32
C LYS B 87 19.80 17.95 -7.27
N LEU B 88 20.59 17.04 -6.72
CA LEU B 88 21.63 16.24 -7.38
C LEU B 88 20.95 15.12 -8.16
N TRP B 89 21.08 15.14 -9.47
CA TRP B 89 20.45 14.10 -10.31
C TRP B 89 21.22 12.77 -10.14
N SER B 90 20.51 11.68 -10.42
CA SER B 90 20.91 10.30 -10.10
C SER B 90 22.10 9.81 -10.95
N THR B 91 22.46 10.51 -12.02
CA THR B 91 23.68 10.25 -12.83
C THR B 91 24.92 10.86 -12.17
N PHE B 92 24.78 11.58 -11.04
CA PHE B 92 25.90 12.28 -10.37
C PHE B 92 26.07 11.80 -8.94
N HIS B 93 25.64 10.58 -8.63
CA HIS B 93 25.81 10.01 -7.27
C HIS B 93 27.26 9.70 -6.95
N ARG B 94 28.09 9.36 -7.92
CA ARG B 94 29.51 9.06 -7.58
C ARG B 94 30.11 10.30 -6.94
N PRO B 95 30.85 10.17 -5.83
CA PRO B 95 31.27 11.31 -5.02
C PRO B 95 32.00 12.38 -5.81
N GLU B 96 32.84 11.98 -6.77
CA GLU B 96 33.66 12.97 -7.51
C GLU B 96 32.78 13.84 -8.41
N LEU B 97 31.54 13.45 -8.65
CA LEU B 97 30.62 14.17 -9.57
C LEU B 97 29.70 15.11 -8.77
N VAL B 98 29.69 15.04 -7.45
CA VAL B 98 28.66 15.77 -6.64
C VAL B 98 28.95 17.27 -6.61
N ARG B 99 30.15 17.67 -6.21
CA ARG B 99 30.42 19.13 -6.19
C ARG B 99 30.31 19.69 -7.61
N PRO B 100 30.88 19.08 -8.68
CA PRO B 100 30.70 19.64 -10.02
C PRO B 100 29.22 19.80 -10.42
N ALA B 101 28.36 18.90 -10.02
CA ALA B 101 26.92 18.98 -10.35
C ALA B 101 26.33 20.20 -9.63
N LEU B 102 26.69 20.41 -8.38
CA LEU B 102 26.20 21.58 -7.61
C LEU B 102 26.72 22.85 -8.23
N GLU B 103 28.01 22.88 -8.57
CA GLU B 103 28.58 24.12 -9.15
C GLU B 103 27.91 24.43 -10.48
N ASN B 104 27.55 23.45 -11.26
CA ASN B 104 26.84 23.69 -12.55
C ASN B 104 25.44 24.25 -12.29
N SER B 105 24.73 23.72 -11.31
CA SER B 105 23.42 24.29 -10.89
C SER B 105 23.62 25.76 -10.45
N LEU B 106 24.60 26.02 -9.61
CA LEU B 106 24.84 27.40 -9.14
C LEU B 106 25.18 28.29 -10.32
N LYS B 107 25.98 27.83 -11.28
CA LYS B 107 26.32 28.66 -12.44
C LYS B 107 25.06 28.95 -13.26
N LYS B 108 24.27 27.93 -13.54
N LYS B 108 24.26 27.93 -13.53
CA LYS B 108 23.01 28.15 -14.30
CA LYS B 108 23.00 28.16 -14.30
C LYS B 108 22.11 29.12 -13.54
C LYS B 108 22.09 29.12 -13.54
N ALA B 109 21.93 28.97 -12.23
CA ALA B 109 21.02 29.81 -11.42
C ALA B 109 21.60 31.21 -11.14
N GLN B 110 22.91 31.38 -11.40
N GLN B 110 22.91 31.41 -11.34
CA GLN B 110 23.72 32.57 -11.03
CA GLN B 110 23.55 32.71 -11.01
C GLN B 110 23.46 32.90 -9.55
C GLN B 110 23.45 32.93 -9.49
N LEU B 111 23.59 31.88 -8.68
CA LEU B 111 23.59 32.01 -7.22
C LEU B 111 24.95 31.59 -6.68
N ASP B 112 25.33 32.09 -5.53
CA ASP B 112 26.61 31.70 -4.88
C ASP B 112 26.42 30.44 -4.06
N TYR B 113 25.19 30.17 -3.61
CA TYR B 113 24.93 28.97 -2.77
C TYR B 113 23.47 28.62 -2.95
N VAL B 114 23.15 27.37 -2.65
CA VAL B 114 21.73 26.95 -2.48
C VAL B 114 21.44 26.92 -1.00
N ASP B 115 20.19 27.15 -0.63
CA ASP B 115 19.80 26.97 0.79
C ASP B 115 19.76 25.50 1.12
N LEU B 116 19.41 24.67 0.15
CA LEU B 116 19.23 23.22 0.38
C LEU B 116 19.64 22.49 -0.88
N TYR B 117 20.47 21.48 -0.74
CA TYR B 117 20.80 20.56 -1.83
C TYR B 117 20.38 19.18 -1.41
N LEU B 118 19.61 18.53 -2.27
CA LEU B 118 19.10 17.17 -1.99
C LEU B 118 19.69 16.14 -2.94
N ILE B 119 19.82 14.94 -2.41
CA ILE B 119 19.92 13.76 -3.30
C ILE B 119 18.52 13.58 -3.89
N HIS B 120 18.35 13.71 -5.19
CA HIS B 120 16.99 13.70 -5.80
C HIS B 120 16.29 12.37 -5.57
N SER B 121 17.06 11.30 -5.64
CA SER B 121 16.52 9.93 -5.62
C SER B 121 17.61 8.99 -5.17
N PRO B 122 17.30 7.90 -4.43
CA PRO B 122 18.30 6.89 -4.14
C PRO B 122 18.60 5.95 -5.32
N MET B 123 17.87 6.06 -6.41
CA MET B 123 17.99 5.10 -7.54
C MET B 123 19.08 5.58 -8.50
N SER B 124 20.33 5.27 -8.21
CA SER B 124 21.51 5.68 -9.00
C SER B 124 21.41 5.24 -10.47
N LEU B 125 21.78 6.12 -11.39
CA LEU B 125 21.77 5.86 -12.85
C LEU B 125 23.19 5.97 -13.42
N LYS B 126 23.39 5.41 -14.61
CA LYS B 126 24.71 5.46 -15.29
C LYS B 126 25.33 6.83 -15.14
N PRO B 127 26.59 6.92 -14.65
CA PRO B 127 27.22 8.20 -14.42
C PRO B 127 27.47 9.02 -15.69
N GLY B 128 27.26 10.34 -15.58
CA GLY B 128 27.55 11.28 -16.69
C GLY B 128 26.47 12.32 -16.87
N GLU B 129 26.66 13.17 -17.87
CA GLU B 129 25.87 14.41 -18.07
C GLU B 129 24.54 14.05 -18.74
N GLU B 130 24.48 12.93 -19.45
N GLU B 130 24.49 12.91 -19.43
CA GLU B 130 23.21 12.44 -20.05
CA GLU B 130 23.24 12.37 -20.01
C GLU B 130 22.29 12.02 -18.91
C GLU B 130 22.29 12.02 -18.87
N LEU B 131 21.20 12.74 -18.71
CA LEU B 131 20.32 12.60 -17.52
C LEU B 131 19.44 11.39 -17.71
N SER B 132 19.23 10.93 -18.94
CA SER B 132 18.33 9.79 -19.22
C SER B 132 19.09 8.70 -19.96
N PRO B 133 20.05 8.00 -19.31
CA PRO B 133 20.84 6.97 -19.99
C PRO B 133 19.94 5.75 -20.24
N THR B 134 19.86 5.28 -21.50
CA THR B 134 19.01 4.14 -21.93
C THR B 134 19.82 3.22 -22.85
N ASP B 135 19.47 1.94 -22.85
CA ASP B 135 20.19 0.86 -23.56
C ASP B 135 19.49 0.55 -24.89
N GLU B 136 19.95 -0.50 -25.58
CA GLU B 136 19.43 -0.99 -26.89
C GLU B 136 17.92 -1.17 -26.82
N ASN B 137 17.41 -1.73 -25.71
CA ASN B 137 16.00 -2.14 -25.54
C ASN B 137 15.20 -1.01 -24.90
N GLY B 138 15.83 0.15 -24.69
CA GLY B 138 15.20 1.36 -24.13
C GLY B 138 15.07 1.30 -22.61
N LYS B 139 15.72 0.34 -21.97
CA LYS B 139 15.73 0.23 -20.48
C LYS B 139 16.63 1.35 -19.94
N VAL B 140 16.20 2.00 -18.86
CA VAL B 140 17.05 2.98 -18.14
C VAL B 140 18.26 2.23 -17.57
N ILE B 141 19.46 2.78 -17.72
CA ILE B 141 20.71 2.10 -17.27
C ILE B 141 21.00 2.53 -15.84
N PHE B 142 20.96 1.56 -14.92
CA PHE B 142 21.17 1.80 -13.49
C PHE B 142 22.67 1.82 -13.21
N ASP B 143 23.00 2.40 -12.06
CA ASP B 143 24.34 2.33 -11.49
C ASP B 143 24.12 1.83 -10.06
N ILE B 144 25.18 1.31 -9.46
CA ILE B 144 25.21 0.88 -8.05
C ILE B 144 26.29 1.73 -7.36
N VAL B 145 25.86 2.58 -6.44
CA VAL B 145 26.76 3.52 -5.72
C VAL B 145 26.43 3.40 -4.23
N ASP B 146 27.45 3.39 -3.39
CA ASP B 146 27.27 3.47 -1.91
C ASP B 146 26.74 4.87 -1.63
N LEU B 147 25.46 5.01 -1.29
CA LEU B 147 24.86 6.36 -1.08
C LEU B 147 25.47 7.01 0.17
N CYS B 148 26.12 6.28 1.06
CA CYS B 148 26.90 6.90 2.18
C CYS B 148 28.09 7.69 1.63
N THR B 149 28.68 7.28 0.51
CA THR B 149 29.82 8.02 -0.09
C THR B 149 29.25 9.25 -0.82
N THR B 150 28.08 9.11 -1.42
CA THR B 150 27.38 10.29 -2.01
C THR B 150 27.08 11.28 -0.87
N TRP B 151 26.56 10.78 0.25
CA TRP B 151 26.27 11.65 1.41
C TRP B 151 27.55 12.36 1.91
N GLU B 152 28.70 11.68 1.99
CA GLU B 152 29.96 12.34 2.41
C GLU B 152 30.31 13.48 1.46
N ALA B 153 30.06 13.32 0.17
CA ALA B 153 30.28 14.38 -0.83
C ALA B 153 29.31 15.53 -0.58
N MET B 154 28.06 15.24 -0.19
CA MET B 154 27.09 16.30 0.13
C MET B 154 27.56 17.08 1.37
N GLU B 155 28.10 16.39 2.36
CA GLU B 155 28.60 17.04 3.60
C GLU B 155 29.74 17.99 3.27
N LYS B 156 30.57 17.57 2.32
N LYS B 156 30.57 17.56 2.32
CA LYS B 156 31.71 18.35 1.83
CA LYS B 156 31.72 18.33 1.80
C LYS B 156 31.19 19.64 1.19
C LYS B 156 31.19 19.63 1.17
N CYS B 157 30.08 19.56 0.43
CA CYS B 157 29.49 20.76 -0.20
C CYS B 157 28.92 21.70 0.87
N LYS B 158 28.39 21.16 1.96
CA LYS B 158 27.95 22.03 3.06
C LYS B 158 29.17 22.69 3.73
N ASP B 159 30.23 21.92 4.01
CA ASP B 159 31.46 22.46 4.65
C ASP B 159 32.10 23.52 3.74
N ALA B 160 31.92 23.42 2.42
CA ALA B 160 32.48 24.37 1.45
C ALA B 160 31.61 25.63 1.34
N GLY B 161 30.38 25.61 1.89
CA GLY B 161 29.48 26.77 1.88
C GLY B 161 28.66 26.88 0.59
N LEU B 162 28.66 25.84 -0.25
CA LEU B 162 27.90 25.86 -1.52
C LEU B 162 26.44 25.51 -1.27
N ALA B 163 26.17 24.79 -0.18
CA ALA B 163 24.80 24.44 0.27
C ALA B 163 24.73 24.83 1.74
N LYS B 164 23.73 25.61 2.14
CA LYS B 164 23.57 25.94 3.58
C LYS B 164 23.16 24.67 4.31
N SER B 165 22.24 23.88 3.72
CA SER B 165 21.73 22.62 4.30
C SER B 165 21.74 21.54 3.24
N ILE B 166 21.79 20.30 3.69
CA ILE B 166 21.71 19.12 2.79
C ILE B 166 20.65 18.14 3.30
N GLY B 167 19.99 17.49 2.35
CA GLY B 167 18.96 16.51 2.65
C GLY B 167 18.85 15.48 1.57
N VAL B 168 17.77 14.70 1.64
CA VAL B 168 17.49 13.65 0.65
C VAL B 168 16.05 13.78 0.18
N SER B 169 15.75 13.01 -0.87
CA SER B 169 14.42 12.94 -1.46
C SER B 169 14.16 11.49 -1.88
N ASN B 170 12.92 11.07 -1.72
CA ASN B 170 12.47 9.73 -2.16
C ASN B 170 13.20 8.64 -1.39
N PHE B 171 13.65 8.91 -0.18
CA PHE B 171 14.24 7.85 0.69
C PHE B 171 13.13 7.23 1.51
N ASN B 172 13.25 5.94 1.75
CA ASN B 172 12.41 5.24 2.76
C ASN B 172 13.16 5.20 4.10
N ARG B 173 12.50 4.65 5.13
CA ARG B 173 13.12 4.58 6.48
C ARG B 173 14.49 3.88 6.44
N ARG B 174 14.56 2.69 5.81
CA ARG B 174 15.80 1.88 5.80
C ARG B 174 16.93 2.69 5.16
N GLN B 175 16.63 3.47 4.13
CA GLN B 175 17.63 4.28 3.40
C GLN B 175 18.06 5.46 4.27
N LEU B 176 17.13 6.11 4.98
CA LEU B 176 17.51 7.13 5.98
C LEU B 176 18.41 6.53 7.05
N GLU B 177 18.04 5.36 7.55
CA GLU B 177 18.79 4.73 8.67
C GLU B 177 20.23 4.46 8.24
N MET B 178 20.42 4.11 6.97
CA MET B 178 21.76 3.83 6.42
C MET B 178 22.63 5.08 6.53
N ILE B 179 22.08 6.25 6.23
CA ILE B 179 22.79 7.53 6.45
C ILE B 179 22.95 7.78 7.96
N LEU B 180 21.86 7.67 8.73
CA LEU B 180 21.93 8.01 10.17
C LEU B 180 22.94 7.10 10.90
N ASN B 181 23.09 5.85 10.48
CA ASN B 181 23.99 4.87 11.16
C ASN B 181 25.39 4.86 10.53
N LYS B 182 25.67 5.72 9.55
CA LYS B 182 26.99 5.76 8.87
C LYS B 182 28.05 6.14 9.90
N PRO B 183 29.13 5.33 10.04
CA PRO B 183 30.27 5.71 10.86
C PRO B 183 30.82 7.08 10.45
N GLY B 184 30.97 7.98 11.42
CA GLY B 184 31.62 9.28 11.20
C GLY B 184 30.70 10.29 10.53
N LEU B 185 29.40 10.01 10.50
CA LEU B 185 28.40 10.99 10.03
C LEU B 185 28.71 12.36 10.62
N LYS B 186 28.74 13.39 9.79
N LYS B 186 28.74 13.39 9.79
CA LYS B 186 28.92 14.77 10.26
CA LYS B 186 28.91 14.78 10.26
C LYS B 186 27.58 15.51 10.33
C LYS B 186 27.57 15.51 10.33
N TYR B 187 26.74 15.38 9.31
CA TYR B 187 25.44 16.09 9.22
C TYR B 187 24.32 15.10 8.91
N LYS B 188 23.27 15.10 9.74
CA LYS B 188 22.04 14.39 9.38
C LYS B 188 21.46 15.07 8.16
N PRO B 189 20.70 14.34 7.34
CA PRO B 189 19.82 15.02 6.39
C PRO B 189 18.86 15.95 7.15
N VAL B 190 18.66 17.18 6.68
CA VAL B 190 17.72 18.11 7.36
C VAL B 190 16.29 17.72 6.98
N CYS B 191 16.11 17.02 5.86
CA CYS B 191 14.76 16.70 5.36
C CYS B 191 14.78 15.43 4.53
N ASN B 192 13.61 14.89 4.30
CA ASN B 192 13.33 13.87 3.27
C ASN B 192 12.14 14.37 2.48
N GLN B 193 12.35 14.78 1.23
CA GLN B 193 11.27 15.25 0.35
C GLN B 193 10.65 14.02 -0.32
N VAL B 194 9.39 13.78 -0.06
CA VAL B 194 8.71 12.54 -0.54
C VAL B 194 7.31 12.86 -1.02
N GLU B 195 6.74 11.97 -1.81
CA GLU B 195 5.34 12.07 -2.22
C GLU B 195 4.47 11.99 -0.96
N CYS B 196 3.61 12.96 -0.77
CA CYS B 196 2.80 13.00 0.47
C CYS B 196 1.56 13.83 0.19
N HIS B 197 0.38 13.24 0.43
CA HIS B 197 -0.93 13.86 0.20
C HIS B 197 -1.92 12.98 0.95
N PRO B 198 -3.21 13.37 1.04
CA PRO B 198 -4.17 12.58 1.82
C PRO B 198 -4.41 11.15 1.33
N TYR B 199 -4.06 10.82 0.10
CA TYR B 199 -4.18 9.41 -0.36
C TYR B 199 -2.91 8.60 -0.05
N PHE B 200 -1.82 9.28 0.36
CA PHE B 200 -0.52 8.64 0.70
C PHE B 200 0.09 9.56 1.75
N ASN B 201 -0.36 9.43 3.00
CA ASN B 201 -0.08 10.51 3.97
C ASN B 201 1.27 10.25 4.66
N ARG B 202 1.89 9.07 4.53
CA ARG B 202 3.26 8.78 5.06
C ARG B 202 3.30 8.93 6.60
N SER B 203 2.21 8.60 7.28
CA SER B 203 2.11 8.79 8.76
C SER B 203 3.30 8.12 9.45
N LYS B 204 3.62 6.88 9.10
CA LYS B 204 4.69 6.13 9.82
C LYS B 204 6.03 6.80 9.52
N LEU B 205 6.27 7.15 8.26
CA LEU B 205 7.57 7.76 7.87
C LEU B 205 7.70 9.15 8.53
N LEU B 206 6.59 9.87 8.60
CA LEU B 206 6.54 11.21 9.26
C LEU B 206 6.94 11.02 10.72
N ASP B 207 6.36 10.04 11.41
CA ASP B 207 6.65 9.84 12.84
C ASP B 207 8.14 9.56 13.02
N PHE B 208 8.70 8.71 12.16
CA PHE B 208 10.15 8.38 12.17
C PHE B 208 10.99 9.65 12.01
N CYS B 209 10.70 10.43 10.97
CA CYS B 209 11.46 11.66 10.65
C CYS B 209 11.38 12.58 11.85
N LYS B 210 10.20 12.80 12.42
CA LYS B 210 10.08 13.73 13.56
C LYS B 210 10.98 13.28 14.70
N SER B 211 11.00 11.97 14.96
CA SER B 211 11.78 11.39 16.08
C SER B 211 13.26 11.65 15.87
N LYS B 212 13.70 11.85 14.61
CA LYS B 212 15.13 12.07 14.26
C LYS B 212 15.37 13.54 13.94
N ASP B 213 14.40 14.43 14.17
CA ASP B 213 14.47 15.87 13.81
C ASP B 213 14.83 16.02 12.33
N ILE B 214 14.16 15.23 11.51
CA ILE B 214 14.22 15.35 10.02
C ILE B 214 12.84 15.83 9.59
N VAL B 215 12.82 16.90 8.80
CA VAL B 215 11.56 17.45 8.26
C VAL B 215 11.11 16.62 7.07
N LEU B 216 9.85 16.20 7.06
CA LEU B 216 9.24 15.60 5.86
C LEU B 216 8.72 16.75 5.02
N VAL B 217 9.17 16.80 3.77
CA VAL B 217 8.72 17.80 2.78
C VAL B 217 7.84 17.07 1.76
N ALA B 218 6.59 17.50 1.62
CA ALA B 218 5.58 16.85 0.77
C ALA B 218 5.63 17.42 -0.63
N TYR B 219 5.79 16.52 -1.61
CA TYR B 219 5.55 16.81 -3.03
C TYR B 219 4.30 16.08 -3.50
N SER B 220 3.74 16.55 -4.60
CA SER B 220 2.44 16.13 -5.18
C SER B 220 1.40 16.21 -4.04
N ALA B 221 1.53 17.25 -3.20
CA ALA B 221 0.57 17.48 -2.10
C ALA B 221 -0.80 17.85 -2.62
N LEU B 222 -0.93 18.28 -3.88
CA LEU B 222 -2.22 18.60 -4.55
C LEU B 222 -2.63 17.49 -5.51
N GLY B 223 -1.97 16.34 -5.41
CA GLY B 223 -2.31 15.14 -6.21
C GLY B 223 -1.57 15.02 -7.53
N SER B 224 -0.47 15.76 -7.71
CA SER B 224 0.43 15.66 -8.88
C SER B 224 -0.16 16.39 -10.08
N GLN B 225 0.67 16.60 -11.09
CA GLN B 225 0.23 17.22 -12.36
C GLN B 225 -0.45 16.19 -13.28
N ARG B 226 -0.44 14.92 -12.91
CA ARG B 226 -1.17 13.86 -13.64
C ARG B 226 -0.65 13.80 -15.07
N ASP B 227 0.67 13.90 -15.21
CA ASP B 227 1.33 13.75 -16.53
C ASP B 227 1.15 12.27 -16.92
N LYS B 228 0.49 12.00 -18.05
CA LYS B 228 0.20 10.60 -18.45
C LYS B 228 1.50 9.82 -18.66
N ARG B 229 2.64 10.48 -18.89
CA ARG B 229 3.91 9.72 -19.02
C ARG B 229 4.29 9.04 -17.70
N TRP B 230 3.94 9.64 -16.55
CA TRP B 230 4.50 9.29 -15.23
C TRP B 230 3.37 8.92 -14.26
N VAL B 231 2.13 9.28 -14.56
CA VAL B 231 0.97 9.08 -13.66
C VAL B 231 -0.17 8.45 -14.46
N ASP B 232 -0.75 7.40 -13.89
CA ASP B 232 -1.91 6.67 -14.46
C ASP B 232 -3.10 7.63 -14.50
N PRO B 233 -3.62 7.97 -15.71
CA PRO B 233 -4.79 8.82 -15.84
C PRO B 233 -6.04 8.26 -15.16
N ASN B 234 -6.06 6.95 -14.86
CA ASN B 234 -7.21 6.30 -14.17
C ASN B 234 -7.07 6.43 -12.65
N SER B 235 -5.95 6.95 -12.15
CA SER B 235 -5.75 7.18 -10.69
C SER B 235 -6.84 8.15 -10.24
N PRO B 236 -7.33 8.01 -8.98
CA PRO B 236 -8.28 8.96 -8.46
C PRO B 236 -7.71 10.38 -8.43
N VAL B 237 -8.55 11.35 -8.73
CA VAL B 237 -8.20 12.79 -8.76
C VAL B 237 -8.31 13.31 -7.32
N LEU B 238 -7.18 13.60 -6.69
CA LEU B 238 -7.19 14.08 -5.27
C LEU B 238 -8.15 15.25 -5.07
N LEU B 239 -8.06 16.32 -5.86
CA LEU B 239 -8.79 17.56 -5.59
C LEU B 239 -10.31 17.39 -5.82
N GLU B 240 -10.74 16.23 -6.29
CA GLU B 240 -12.19 15.90 -6.41
C GLU B 240 -12.64 15.07 -5.22
N ASP B 241 -11.79 14.79 -4.24
CA ASP B 241 -12.13 13.88 -3.12
C ASP B 241 -13.30 14.48 -2.33
N PRO B 242 -14.36 13.70 -2.03
CA PRO B 242 -15.54 14.27 -1.36
C PRO B 242 -15.24 14.87 0.02
N VAL B 243 -14.29 14.29 0.76
CA VAL B 243 -13.91 14.83 2.11
C VAL B 243 -13.24 16.19 1.90
N LEU B 244 -12.29 16.27 0.96
CA LEU B 244 -11.61 17.57 0.77
C LEU B 244 -12.58 18.60 0.25
N CYS B 245 -13.52 18.22 -0.62
CA CYS B 245 -14.51 19.17 -1.18
C CYS B 245 -15.52 19.60 -0.09
N ALA B 246 -15.90 18.72 0.81
CA ALA B 246 -16.86 19.05 1.90
C ALA B 246 -16.18 19.97 2.90
N LEU B 247 -14.89 19.73 3.19
CA LEU B 247 -14.14 20.62 4.11
C LEU B 247 -13.89 21.97 3.44
N ALA B 248 -13.64 22.03 2.13
CA ALA B 248 -13.50 23.31 1.41
C ALA B 248 -14.78 24.13 1.56
N LYS B 249 -15.96 23.52 1.47
CA LYS B 249 -17.23 24.28 1.56
C LYS B 249 -17.42 24.73 3.01
N LYS B 250 -17.10 23.88 3.98
CA LYS B 250 -17.19 24.21 5.43
C LYS B 250 -16.37 25.47 5.71
N HIS B 251 -15.12 25.52 5.23
CA HIS B 251 -14.18 26.62 5.59
C HIS B 251 -14.24 27.76 4.58
N LYS B 252 -15.06 27.65 3.54
CA LYS B 252 -15.14 28.63 2.42
C LYS B 252 -13.73 28.76 1.82
N ARG B 253 -13.06 27.63 1.62
CA ARG B 253 -11.73 27.61 0.96
C ARG B 253 -11.87 26.76 -0.31
N THR B 254 -10.80 26.10 -0.73
CA THR B 254 -10.78 25.20 -1.91
C THR B 254 -10.19 23.89 -1.50
N PRO B 255 -10.44 22.80 -2.25
CA PRO B 255 -9.87 21.51 -1.89
C PRO B 255 -8.33 21.61 -1.81
N ALA B 256 -7.70 22.38 -2.68
CA ALA B 256 -6.23 22.51 -2.67
C ALA B 256 -5.80 23.10 -1.32
N LEU B 257 -6.48 24.17 -0.90
CA LEU B 257 -6.12 24.84 0.39
C LEU B 257 -6.31 23.85 1.53
N ILE B 258 -7.36 23.03 1.52
CA ILE B 258 -7.52 22.01 2.61
C ILE B 258 -6.31 21.07 2.61
N ALA B 259 -5.94 20.58 1.43
CA ALA B 259 -4.84 19.61 1.26
C ALA B 259 -3.51 20.23 1.76
N LEU B 260 -3.28 21.50 1.49
CA LEU B 260 -2.03 22.18 1.97
C LEU B 260 -2.11 22.35 3.48
N ARG B 261 -3.24 22.83 3.99
CA ARG B 261 -3.34 23.14 5.46
C ARG B 261 -3.18 21.86 6.26
N TYR B 262 -3.72 20.75 5.76
CA TYR B 262 -3.59 19.44 6.38
C TYR B 262 -2.11 19.20 6.68
N GLN B 263 -1.28 19.41 5.68
CA GLN B 263 0.16 19.13 5.84
C GLN B 263 0.74 20.08 6.90
N LEU B 264 0.47 21.36 6.80
CA LEU B 264 1.06 22.30 7.79
C LEU B 264 0.70 21.86 9.22
N GLN B 265 -0.52 21.45 9.45
CA GLN B 265 -0.96 21.18 10.85
C GLN B 265 -0.37 19.88 11.37
N ARG B 266 0.09 18.98 10.50
CA ARG B 266 0.78 17.75 10.96
C ARG B 266 2.31 17.93 10.98
N GLY B 267 2.81 19.15 10.84
CA GLY B 267 4.26 19.40 10.94
C GLY B 267 5.01 19.01 9.68
N VAL B 268 4.33 18.95 8.54
CA VAL B 268 4.96 18.69 7.23
C VAL B 268 5.18 20.01 6.53
N VAL B 269 6.34 20.15 5.90
CA VAL B 269 6.60 21.30 5.01
C VAL B 269 6.04 20.93 3.63
N VAL B 270 5.24 21.81 3.05
CA VAL B 270 4.42 21.41 1.88
C VAL B 270 4.82 22.25 0.67
N LEU B 271 5.02 21.58 -0.45
CA LEU B 271 5.23 22.25 -1.76
C LEU B 271 3.91 22.39 -2.46
N ALA B 272 3.78 23.40 -3.31
CA ALA B 272 2.59 23.57 -4.18
C ALA B 272 3.09 24.12 -5.51
N LYS B 273 3.00 23.36 -6.57
CA LYS B 273 3.29 23.89 -7.93
C LYS B 273 2.04 24.53 -8.49
N SER B 274 2.14 25.77 -8.98
CA SER B 274 1.12 26.34 -9.86
C SER B 274 1.83 27.25 -10.85
N TYR B 275 1.43 27.19 -12.12
CA TYR B 275 1.86 28.14 -13.15
C TYR B 275 0.70 29.08 -13.52
N ASN B 276 -0.31 29.16 -12.65
CA ASN B 276 -1.51 30.01 -12.83
C ASN B 276 -1.46 31.17 -11.84
N GLU B 277 -1.52 32.41 -12.31
CA GLU B 277 -1.39 33.57 -11.41
C GLU B 277 -2.41 33.52 -10.27
N GLN B 278 -3.65 33.16 -10.58
N GLN B 278 -3.66 33.17 -10.58
CA GLN B 278 -4.74 33.16 -9.57
CA GLN B 278 -4.74 33.16 -9.56
C GLN B 278 -4.47 32.07 -8.53
C GLN B 278 -4.44 32.07 -8.52
N ARG B 279 -4.06 30.88 -8.95
CA ARG B 279 -3.82 29.76 -7.98
C ARG B 279 -2.54 29.99 -7.17
N ILE B 280 -1.49 30.56 -7.77
CA ILE B 280 -0.28 30.97 -7.00
C ILE B 280 -0.72 31.87 -5.83
N ARG B 281 -1.52 32.89 -6.13
CA ARG B 281 -2.00 33.87 -5.10
C ARG B 281 -2.92 33.14 -4.09
N GLN B 282 -3.73 32.20 -4.56
CA GLN B 282 -4.68 31.49 -3.68
C GLN B 282 -3.91 30.65 -2.65
N ASN B 283 -2.78 30.04 -3.04
CA ASN B 283 -2.15 28.99 -2.20
C ASN B 283 -1.55 29.59 -0.92
N VAL B 284 -1.23 30.87 -0.93
CA VAL B 284 -0.63 31.50 0.27
C VAL B 284 -1.74 31.74 1.31
N GLN B 285 -3.02 31.56 0.92
CA GLN B 285 -4.18 31.63 1.87
C GLN B 285 -4.10 30.48 2.85
N VAL B 286 -3.20 29.51 2.69
CA VAL B 286 -3.07 28.36 3.63
C VAL B 286 -2.82 28.87 5.05
N PHE B 287 -2.26 30.09 5.21
CA PHE B 287 -1.96 30.64 6.55
C PHE B 287 -3.18 31.33 7.19
N GLU B 288 -4.29 31.49 6.49
N GLU B 288 -4.28 31.50 6.45
CA GLU B 288 -5.41 32.37 6.93
CA GLU B 288 -5.44 32.36 6.81
C GLU B 288 -6.54 31.56 7.58
C GLU B 288 -6.52 31.56 7.58
N PHE B 289 -6.44 30.24 7.69
CA PHE B 289 -7.50 29.44 8.37
C PHE B 289 -6.90 28.21 9.02
N GLN B 290 -7.67 27.56 9.88
CA GLN B 290 -7.25 26.34 10.61
C GLN B 290 -8.30 25.25 10.42
N LEU B 291 -7.84 24.01 10.33
CA LEU B 291 -8.70 22.81 10.36
C LEU B 291 -8.88 22.38 11.81
N THR B 292 -10.05 21.88 12.18
CA THR B 292 -10.29 21.36 13.55
C THR B 292 -9.63 19.98 13.67
N ALA B 293 -9.48 19.45 14.87
CA ALA B 293 -8.94 18.10 15.15
C ALA B 293 -9.82 17.05 14.45
N GLU B 294 -11.15 17.21 14.44
N GLU B 294 -11.15 17.21 14.47
CA GLU B 294 -12.06 16.27 13.74
CA GLU B 294 -12.10 16.34 13.74
C GLU B 294 -11.86 16.41 12.22
C GLU B 294 -11.82 16.40 12.24
N ASP B 295 -11.61 17.62 11.72
CA ASP B 295 -11.34 17.81 10.27
C ASP B 295 -10.06 17.06 9.90
N MET B 296 -9.02 17.18 10.73
CA MET B 296 -7.74 16.48 10.49
C MET B 296 -7.97 14.97 10.51
N LYS B 297 -8.80 14.48 11.44
CA LYS B 297 -9.05 13.02 11.51
C LYS B 297 -9.76 12.57 10.22
N ALA B 298 -10.73 13.33 9.72
CA ALA B 298 -11.46 12.99 8.46
C ALA B 298 -10.41 12.84 7.35
N ILE B 299 -9.43 13.74 7.29
CA ILE B 299 -8.42 13.72 6.21
C ILE B 299 -7.51 12.52 6.41
N ASP B 300 -7.15 12.23 7.65
CA ASP B 300 -6.27 11.07 7.95
C ASP B 300 -6.94 9.79 7.43
N GLY B 301 -8.27 9.75 7.46
CA GLY B 301 -9.05 8.57 7.04
C GLY B 301 -9.04 8.36 5.53
N LEU B 302 -8.53 9.31 4.73
CA LEU B 302 -8.39 9.11 3.27
C LEU B 302 -7.19 8.26 2.87
N ASP B 303 -6.26 7.99 3.78
CA ASP B 303 -4.97 7.35 3.46
C ASP B 303 -5.27 6.02 2.76
N ARG B 304 -4.71 5.80 1.58
CA ARG B 304 -4.87 4.50 0.87
C ARG B 304 -3.54 4.01 0.25
N ASN B 305 -2.42 4.51 0.71
CA ASN B 305 -1.08 4.10 0.21
C ASN B 305 -1.04 4.24 -1.33
N LEU B 306 -1.65 5.27 -1.90
CA LEU B 306 -1.68 5.47 -3.37
C LEU B 306 -0.52 6.40 -3.75
N HIS B 307 0.48 5.91 -4.46
CA HIS B 307 1.50 6.81 -5.04
C HIS B 307 1.13 7.09 -6.50
N TYR B 308 1.02 8.37 -6.84
CA TYR B 308 0.74 8.84 -8.21
C TYR B 308 1.90 8.45 -9.13
N PHE B 309 3.12 8.48 -8.62
CA PHE B 309 4.33 8.13 -9.41
C PHE B 309 4.54 6.61 -9.33
N ASN B 310 4.32 5.93 -10.46
N ASN B 310 4.31 5.91 -10.43
CA ASN B 310 4.45 4.46 -10.63
CA ASN B 310 4.48 4.43 -10.54
C ASN B 310 5.92 4.08 -10.80
C ASN B 310 5.96 4.09 -10.72
N SER B 311 6.77 5.01 -11.26
CA SER B 311 8.22 4.80 -11.50
C SER B 311 8.44 3.54 -12.35
N ASP B 312 7.55 3.28 -13.30
CA ASP B 312 7.52 2.02 -14.11
C ASP B 312 8.91 1.73 -14.69
N SER B 313 9.63 2.75 -15.20
CA SER B 313 10.97 2.55 -15.84
C SER B 313 12.02 2.12 -14.83
N PHE B 314 11.77 2.27 -13.52
CA PHE B 314 12.72 1.87 -12.44
C PHE B 314 12.30 0.55 -11.79
N ALA B 315 11.27 -0.13 -12.28
CA ALA B 315 10.66 -1.32 -11.63
C ALA B 315 11.74 -2.29 -11.12
N SER B 316 12.82 -2.50 -11.88
CA SER B 316 13.85 -3.52 -11.57
C SER B 316 15.01 -2.93 -10.75
N HIS B 317 14.96 -1.65 -10.37
CA HIS B 317 16.06 -0.97 -9.63
C HIS B 317 16.16 -1.48 -8.19
N PRO B 318 17.37 -1.85 -7.70
CA PRO B 318 17.54 -2.27 -6.31
C PRO B 318 17.24 -1.25 -5.20
N ASN B 319 17.33 0.05 -5.50
CA ASN B 319 17.18 1.12 -4.48
C ASN B 319 15.77 1.72 -4.56
N TYR B 320 14.85 1.04 -5.26
CA TYR B 320 13.44 1.46 -5.31
C TYR B 320 13.00 1.56 -3.87
N PRO B 321 12.51 2.74 -3.41
CA PRO B 321 12.17 2.92 -2.01
C PRO B 321 10.80 2.34 -1.60
N TYR B 322 9.90 2.01 -2.53
CA TYR B 322 8.53 1.56 -2.15
C TYR B 322 8.46 0.03 -2.08
N SER B 323 7.67 -0.46 -1.13
CA SER B 323 7.26 -1.88 -1.00
C SER B 323 6.54 -2.31 -2.28
N ASP B 324 6.52 -3.61 -2.56
N ASP B 324 6.51 -3.62 -2.55
CA ASP B 324 5.70 -4.21 -3.66
CA ASP B 324 5.71 -4.23 -3.65
C ASP B 324 4.24 -3.76 -3.46
C ASP B 324 4.23 -3.80 -3.47
N GLU B 325 3.61 -3.33 -4.55
CA GLU B 325 2.22 -2.81 -4.55
C GLU B 325 1.23 -3.96 -4.29
N TYR B 326 1.55 -5.17 -4.71
CA TYR B 326 0.71 -6.37 -4.47
C TYR B 326 1.57 -7.63 -4.51
PA NAP C . -17.43 -12.04 6.25
O1A NAP C . -17.75 -13.19 5.32
O2A NAP C . -16.82 -10.81 5.73
O5B NAP C . -18.75 -11.73 7.03
C5B NAP C . -18.77 -10.59 7.93
C4B NAP C . -20.12 -10.52 8.63
O4B NAP C . -21.15 -10.36 7.61
C3B NAP C . -20.47 -11.78 9.38
O3B NAP C . -20.03 -11.72 10.76
C2B NAP C . -22.00 -11.87 9.24
O2B NAP C . -22.68 -11.67 10.48
C1B NAP C . -22.35 -10.76 8.23
N9A NAP C . -23.23 -11.27 7.20
C8A NAP C . -23.18 -12.49 6.53
N7A NAP C . -24.15 -12.52 5.62
C5A NAP C . -24.81 -11.32 5.67
C6A NAP C . -26.00 -10.83 4.97
N6A NAP C . -26.55 -11.55 4.02
N1A NAP C . -26.37 -9.60 5.29
C2A NAP C . -25.79 -8.88 6.26
N3A NAP C . -24.72 -9.30 6.96
C4A NAP C . -24.25 -10.54 6.68
O3 NAP C . -16.56 -12.65 7.51
PN NAP C . -15.05 -13.11 7.72
O1N NAP C . -15.09 -14.04 8.87
O2N NAP C . -14.16 -11.93 7.80
O5D NAP C . -14.66 -13.84 6.37
C5D NAP C . -15.32 -15.06 6.00
C4D NAP C . -14.48 -16.32 6.26
O4D NAP C . -13.21 -16.24 5.59
C3D NAP C . -14.10 -16.65 7.75
O3D NAP C . -15.17 -17.14 8.56
C2D NAP C . -13.01 -17.65 7.53
O2D NAP C . -13.57 -18.91 7.13
C1D NAP C . -12.25 -17.03 6.35
N1N NAP C . -11.17 -16.11 6.73
C2N NAP C . -9.92 -16.46 6.50
C3N NAP C . -8.82 -15.69 6.82
C7N NAP C . -7.42 -16.10 6.47
O7N NAP C . -6.50 -15.51 7.03
N7N NAP C . -7.27 -17.03 5.51
C4N NAP C . -9.04 -14.41 7.36
C5N NAP C . -10.38 -14.03 7.61
C6N NAP C . -11.40 -14.89 7.24
P2B NAP C . -23.72 -12.81 11.00
O1X NAP C . -22.93 -14.02 11.42
O2X NAP C . -24.36 -12.12 12.22
O3X NAP C . -24.66 -13.09 9.86
OBB QBO D . -8.66 -16.91 9.44
CBE QBO D . -9.47 -16.12 10.00
OBD QBO D . -10.74 -16.14 9.99
CAY QBO D . -8.85 -14.91 10.69
CAL QBO D . -8.87 -15.07 12.21
CAH QBO D . -8.59 -13.66 12.81
CAI QBO D . -9.91 -12.97 13.05
CAM QBO D . -7.86 -13.63 14.21
CAE QBO D . -8.37 -14.75 15.14
CAF QBO D . -7.15 -15.28 15.91
CAN QBO D . -6.09 -14.26 15.72
CAU QBO D . -6.30 -13.79 14.22
CAS QBO D . -5.79 -14.81 13.15
NBC QBO D . -5.70 -12.47 13.96
NAT QBO D . -6.34 -11.45 13.34
NAO QBO D . -5.48 -10.41 13.22
NAW QBO D . -4.31 -10.89 13.79
CAZ QBO D . -4.47 -12.12 14.26
CAV QBO D . -3.40 -12.87 14.86
CAG QBO D . -3.70 -13.61 16.25
CAA QBO D . -4.72 -14.78 16.17
CAC QBO D . -4.95 -15.46 17.56
CAD QBO D . -3.71 -16.00 18.21
CAB QBO D . -2.69 -14.83 18.32
CAR QBO D . -3.21 -13.85 19.37
CAX QBO D . -2.08 -12.84 19.59
OBA QBO D . -2.44 -11.93 20.67
CAQ QBO D . -1.89 -12.05 18.39
CAJ QBO D . -1.35 -12.97 17.33
CAP QBO D . -2.35 -14.11 16.99
CAK QBO D . -1.63 -15.12 16.09
NA NA E . -0.58 -10.42 -14.62
NA NA F . -31.50 -19.70 -4.77
NA NA G . -1.57 -20.09 22.63
NA NA H . 10.09 -12.68 -7.14
PA NAP I . 1.33 19.61 -7.08
O1A NAP I . 1.90 20.66 -6.15
O2A NAP I . 0.83 18.33 -6.50
O5B NAP I . 0.25 20.40 -7.92
C5B NAP I . -0.56 19.63 -8.84
C4B NAP I . -1.36 20.58 -9.68
O4B NAP I . -2.23 21.36 -8.84
C3B NAP I . -0.56 21.64 -10.43
O3B NAP I . -0.22 21.19 -11.78
C2B NAP I . -1.44 22.88 -10.44
O2B NAP I . -1.97 23.25 -11.73
C1B NAP I . -2.61 22.51 -9.55
N9A NAP I . -2.91 23.52 -8.57
C8A NAP I . -2.10 24.32 -7.78
N7A NAP I . -2.75 25.09 -6.93
C5A NAP I . -4.08 24.84 -7.14
C6A NAP I . -5.28 25.35 -6.50
N6A NAP I . -5.19 26.30 -5.55
N1A NAP I . -6.43 24.85 -6.96
C2A NAP I . -6.46 23.88 -7.91
N3A NAP I . -5.40 23.36 -8.54
C4A NAP I . -4.19 23.78 -8.13
O3 NAP I . 2.44 19.25 -8.24
PN NAP I . 3.77 18.46 -8.28
O1N NAP I . 4.58 19.02 -9.44
O2N NAP I . 3.52 16.99 -8.34
O5D NAP I . 4.51 18.67 -6.89
C5D NAP I . 4.95 20.00 -6.54
C4D NAP I . 6.47 20.11 -6.68
O4D NAP I . 7.14 19.16 -5.89
C3D NAP I . 7.12 19.98 -8.09
O3D NAP I . 6.84 21.11 -8.93
C2D NAP I . 8.58 19.81 -7.69
O2D NAP I . 9.05 21.08 -7.26
C1D NAP I . 8.44 18.92 -6.45
N1N NAP I . 8.47 17.48 -6.80
C2N NAP I . 9.52 16.81 -6.45
C3N NAP I . 9.68 15.43 -6.68
C7N NAP I . 10.88 14.68 -6.25
O7N NAP I . 11.11 13.54 -6.73
N7N NAP I . 11.59 15.10 -5.23
C4N NAP I . 8.63 14.78 -7.37
C5N NAP I . 7.49 15.50 -7.72
C6N NAP I . 7.42 16.88 -7.45
P2B NAP I . -1.74 24.74 -12.26
O1X NAP I . -0.24 24.86 -12.56
O2X NAP I . -2.60 24.73 -13.56
O3X NAP I . -2.21 25.63 -11.20
OBB QBO J . 10.84 16.03 -9.34
CBE QBO J . 9.74 16.20 -9.93
OBD QBO J . 9.00 17.20 -10.03
CAY QBO J . 9.12 15.01 -10.66
CAL QBO J . 9.51 15.01 -12.16
CAH QBO J . 8.77 13.77 -12.85
CAI QBO J . 7.40 14.20 -13.29
CAM QBO J . 9.40 13.16 -14.18
CAE QBO J . 9.92 14.28 -15.08
CAF QBO J . 11.16 13.72 -15.76
CAN QBO J . 11.09 12.17 -15.55
CAU QBO J . 10.52 12.11 -14.09
CAS QBO J . 11.51 12.38 -12.92
NBC QBO J . 9.89 10.81 -13.82
NAT QBO J . 8.63 10.66 -13.40
NAO QBO J . 8.48 9.31 -13.27
NAW QBO J . 9.61 8.73 -13.69
CAZ QBO J . 10.49 9.65 -14.04
CAV QBO J . 11.80 9.30 -14.47
CAG QBO J . 12.22 9.91 -15.87
CAA QBO J . 12.41 11.47 -15.82
CAC QBO J . 12.92 12.05 -17.20
CAD QBO J . 14.18 11.44 -17.62
CAB QBO J . 14.02 9.92 -17.73
CAR QBO J . 13.11 9.60 -18.95
CAX QBO J . 13.07 8.05 -19.03
OBA QBO J . 12.22 7.69 -20.15
CAQ QBO J . 12.48 7.41 -17.83
CAJ QBO J . 13.40 7.70 -16.63
CAP QBO J . 13.53 9.25 -16.40
CAK QBO J . 14.67 9.45 -15.37
NA NA K . 17.99 18.32 16.37
NA NA L . 25.28 18.84 -16.65
NA NA M . 2.88 9.18 14.57
NA NA N . 33.05 22.16 -11.69
NA NA O . -13.48 11.95 -9.09
#